data_2M7N
#
_entry.id   2M7N
#
loop_
_entity.id
_entity.type
_entity.pdbx_description
1 polymer 'Calcium-binding protein'
2 non-polymer 'CALCIUM ION'
#
_entity_poly.entity_id   1
_entity_poly.type   'polypeptide(L)'
_entity_poly.pdbx_seq_one_letter_code
;MAEALFKEIDVNGDGAVSYEEVKAFVSKKRAIKNEQLLQLIFKSIDADGNGEIDQNEFAKFYGSIQGQDLSDDKIGLKVL
FKLMDVDGDGKLTKEEVTSFFKKHGIEKVAEQVMKADANGDGYITLEEFLEFSL
;
_entity_poly.pdbx_strand_id   A
#
loop_
_chem_comp.id
_chem_comp.type
_chem_comp.name
_chem_comp.formula
CA non-polymer 'CALCIUM ION' 'Ca 2'
#
# COMPACT_ATOMS: atom_id res chain seq x y z
N GLY A 67 -20.45 11.46 17.65
CA GLY A 67 -20.76 12.45 16.63
C GLY A 67 -19.69 12.51 15.55
N GLN A 68 -18.48 12.09 15.90
CA GLN A 68 -17.37 12.10 14.96
C GLN A 68 -17.58 11.07 13.85
N ASP A 69 -17.49 11.52 12.60
CA ASP A 69 -17.66 10.64 11.45
C ASP A 69 -16.55 9.61 11.38
N LEU A 70 -16.92 8.33 11.36
CA LEU A 70 -15.95 7.26 11.30
C LEU A 70 -15.13 7.33 10.01
N SER A 71 -14.35 6.29 9.74
CA SER A 71 -13.51 6.24 8.55
C SER A 71 -14.09 5.27 7.52
N ASP A 72 -14.01 5.65 6.24
CA ASP A 72 -14.51 4.80 5.18
C ASP A 72 -14.29 3.33 5.49
N ASP A 73 -15.19 2.48 4.99
CA ASP A 73 -15.10 1.05 5.22
C ASP A 73 -13.67 0.55 5.02
N LYS A 74 -12.89 1.31 4.24
CA LYS A 74 -11.51 0.95 3.97
C LYS A 74 -10.60 1.43 5.09
N ILE A 75 -11.19 1.83 6.21
CA ILE A 75 -10.43 2.30 7.36
C ILE A 75 -9.33 1.32 7.73
N GLY A 76 -9.65 0.03 7.66
CA GLY A 76 -8.68 -1.00 7.99
C GLY A 76 -7.47 -0.97 7.06
N LEU A 77 -7.72 -0.96 5.76
CA LEU A 77 -6.65 -0.93 4.78
C LEU A 77 -5.76 0.30 4.96
N LYS A 78 -6.39 1.44 5.17
CA LYS A 78 -5.66 2.69 5.38
C LYS A 78 -4.79 2.62 6.62
N VAL A 79 -5.34 2.05 7.69
CA VAL A 79 -4.61 1.91 8.95
C VAL A 79 -3.36 1.06 8.77
N LEU A 80 -3.54 -0.15 8.25
CA LEU A 80 -2.43 -1.07 8.02
C LEU A 80 -1.36 -0.41 7.17
N PHE A 81 -1.76 0.14 6.03
CA PHE A 81 -0.83 0.80 5.12
C PHE A 81 0.01 1.84 5.87
N LYS A 82 -0.66 2.77 6.53
CA LYS A 82 0.02 3.82 7.29
C LYS A 82 0.91 3.21 8.36
N LEU A 83 0.39 2.21 9.06
CA LEU A 83 1.14 1.55 10.12
C LEU A 83 2.47 1.01 9.60
N MET A 84 2.45 0.49 8.39
CA MET A 84 3.66 -0.06 7.77
C MET A 84 4.61 1.05 7.36
N ASP A 85 4.12 2.29 7.39
CA ASP A 85 4.93 3.45 7.02
C ASP A 85 5.31 4.26 8.26
N VAL A 86 6.25 3.72 9.04
CA VAL A 86 6.71 4.38 10.25
C VAL A 86 7.31 5.75 9.93
N ASP A 87 7.65 5.97 8.67
CA ASP A 87 8.22 7.22 8.23
C ASP A 87 7.14 8.29 8.02
N GLY A 88 5.89 7.88 8.19
CA GLY A 88 4.78 8.80 8.01
C GLY A 88 4.90 9.59 6.73
N ASP A 89 5.23 8.92 5.63
CA ASP A 89 5.37 9.58 4.34
C ASP A 89 4.08 9.49 3.54
N GLY A 90 3.21 8.56 3.94
CA GLY A 90 1.95 8.39 3.24
C GLY A 90 2.09 7.57 1.97
N LYS A 91 3.32 7.20 1.64
CA LYS A 91 3.59 6.41 0.44
C LYS A 91 4.62 5.32 0.73
N LEU A 92 4.34 4.12 0.26
CA LEU A 92 5.25 2.99 0.46
C LEU A 92 6.12 2.77 -0.76
N THR A 93 7.39 2.41 -0.52
CA THR A 93 8.34 2.18 -1.61
C THR A 93 8.34 0.71 -2.02
N LYS A 94 8.77 0.44 -3.24
CA LYS A 94 8.84 -0.92 -3.75
C LYS A 94 9.27 -1.90 -2.65
N GLU A 95 10.39 -1.60 -2.02
CA GLU A 95 10.92 -2.44 -0.95
C GLU A 95 9.86 -2.68 0.12
N GLU A 96 9.16 -1.62 0.50
CA GLU A 96 8.12 -1.72 1.52
C GLU A 96 6.99 -2.64 1.06
N VAL A 97 6.55 -2.45 -0.18
CA VAL A 97 5.48 -3.26 -0.74
C VAL A 97 5.83 -4.75 -0.67
N THR A 98 7.12 -5.06 -0.79
CA THR A 98 7.58 -6.44 -0.75
C THR A 98 7.53 -6.99 0.67
N SER A 99 7.85 -6.14 1.64
CA SER A 99 7.84 -6.55 3.05
C SER A 99 6.41 -6.77 3.53
N PHE A 100 5.50 -5.91 3.10
CA PHE A 100 4.10 -6.01 3.50
C PHE A 100 3.46 -7.25 2.90
N PHE A 101 3.71 -7.48 1.61
CA PHE A 101 3.15 -8.64 0.92
C PHE A 101 3.89 -9.92 1.31
N LYS A 102 5.15 -9.76 1.71
CA LYS A 102 5.97 -10.90 2.12
C LYS A 102 5.25 -11.74 3.17
N LYS A 103 4.39 -11.10 3.96
CA LYS A 103 3.65 -11.79 4.99
C LYS A 103 2.85 -12.95 4.42
N HIS A 104 2.47 -12.82 3.15
CA HIS A 104 1.70 -13.87 2.48
C HIS A 104 2.62 -14.82 1.74
N GLY A 105 3.88 -14.42 1.55
CA GLY A 105 4.83 -15.25 0.86
C GLY A 105 4.73 -15.13 -0.65
N ILE A 106 3.86 -14.25 -1.11
CA ILE A 106 3.66 -14.04 -2.54
C ILE A 106 4.70 -13.07 -3.11
N GLU A 107 5.35 -13.47 -4.19
CA GLU A 107 6.36 -12.64 -4.83
C GLU A 107 5.78 -11.86 -6.00
N LYS A 108 4.63 -12.31 -6.47
CA LYS A 108 3.95 -11.65 -7.59
C LYS A 108 3.74 -10.17 -7.31
N VAL A 109 3.67 -9.82 -6.03
CA VAL A 109 3.48 -8.43 -5.62
C VAL A 109 4.49 -7.52 -6.30
N ALA A 110 5.67 -8.06 -6.61
CA ALA A 110 6.72 -7.29 -7.26
C ALA A 110 6.30 -6.90 -8.68
N GLU A 111 5.75 -7.86 -9.41
CA GLU A 111 5.32 -7.62 -10.78
C GLU A 111 4.07 -6.76 -10.81
N GLN A 112 3.22 -6.92 -9.81
CA GLN A 112 1.99 -6.15 -9.72
C GLN A 112 2.26 -4.69 -9.39
N VAL A 113 3.16 -4.47 -8.42
CA VAL A 113 3.51 -3.11 -8.02
C VAL A 113 4.31 -2.40 -9.11
N MET A 114 5.08 -3.18 -9.86
CA MET A 114 5.88 -2.62 -10.94
C MET A 114 5.02 -2.31 -12.17
N LYS A 115 4.03 -3.15 -12.41
CA LYS A 115 3.12 -2.96 -13.54
C LYS A 115 2.01 -1.98 -13.20
N ALA A 116 1.75 -1.82 -11.90
CA ALA A 116 0.71 -0.90 -11.45
C ALA A 116 1.24 0.52 -11.32
N ASP A 117 2.56 0.66 -11.32
CA ASP A 117 3.20 1.97 -11.21
C ASP A 117 3.25 2.66 -12.57
N ALA A 118 2.15 3.29 -12.95
CA ALA A 118 2.07 3.99 -14.23
C ALA A 118 2.84 5.30 -14.18
N ASN A 119 3.13 5.77 -12.97
CA ASN A 119 3.86 7.03 -12.79
C ASN A 119 5.33 6.76 -12.52
N GLY A 120 5.70 5.49 -12.44
CA GLY A 120 7.07 5.13 -12.18
C GLY A 120 7.67 5.90 -11.02
N ASP A 121 6.82 6.28 -10.07
CA ASP A 121 7.28 7.03 -8.90
C ASP A 121 8.11 6.15 -7.98
N GLY A 122 7.94 4.85 -8.11
CA GLY A 122 8.69 3.91 -7.28
C GLY A 122 8.03 3.70 -5.92
N TYR A 123 6.93 4.39 -5.69
CA TYR A 123 6.21 4.28 -4.42
C TYR A 123 4.71 4.46 -4.62
N ILE A 124 3.93 3.92 -3.70
CA ILE A 124 2.48 4.01 -3.77
C ILE A 124 1.90 4.68 -2.53
N THR A 125 1.02 5.66 -2.74
CA THR A 125 0.40 6.37 -1.63
C THR A 125 -0.87 5.69 -1.18
N LEU A 126 -1.57 6.29 -0.21
CA LEU A 126 -2.81 5.73 0.31
C LEU A 126 -3.77 5.40 -0.82
N GLU A 127 -3.87 6.31 -1.79
CA GLU A 127 -4.75 6.11 -2.93
C GLU A 127 -4.41 4.83 -3.69
N GLU A 128 -3.15 4.72 -4.10
CA GLU A 128 -2.69 3.54 -4.83
C GLU A 128 -2.95 2.28 -4.03
N PHE A 129 -2.61 2.29 -2.75
CA PHE A 129 -2.81 1.14 -1.89
C PHE A 129 -4.26 0.69 -1.91
N LEU A 130 -5.18 1.66 -1.92
CA LEU A 130 -6.60 1.36 -1.94
C LEU A 130 -7.04 0.86 -3.32
N GLU A 131 -6.21 1.15 -4.33
CA GLU A 131 -6.52 0.73 -5.69
C GLU A 131 -6.09 -0.72 -5.92
N PHE A 132 -5.21 -1.21 -5.06
CA PHE A 132 -4.71 -2.58 -5.18
C PHE A 132 -5.27 -3.45 -4.06
N SER A 133 -6.57 -3.73 -4.14
CA SER A 133 -7.24 -4.55 -3.14
C SER A 133 -8.53 -5.16 -3.70
N LEU A 134 -8.41 -6.36 -4.26
CA LEU A 134 -9.56 -7.05 -4.83
C LEU A 134 -9.14 -8.37 -5.48
CA CA B . 6.69 4.20 3.85
CA CA C . 3.12 4.81 -8.38
N GLY A 67 -22.65 10.10 12.72
CA GLY A 67 -23.04 10.57 11.40
C GLY A 67 -21.93 10.41 10.38
N GLN A 68 -20.69 10.32 10.86
CA GLN A 68 -19.55 10.16 9.98
C GLN A 68 -19.55 8.79 9.31
N ASP A 69 -19.48 8.80 7.98
CA ASP A 69 -19.47 7.55 7.22
C ASP A 69 -18.20 6.75 7.48
N LEU A 70 -18.35 5.45 7.66
CA LEU A 70 -17.21 4.57 7.92
C LEU A 70 -16.21 4.62 6.76
N SER A 71 -15.23 3.72 6.80
CA SER A 71 -14.21 3.66 5.77
C SER A 71 -14.40 2.44 4.88
N ASP A 72 -14.18 2.61 3.58
CA ASP A 72 -14.32 1.51 2.63
C ASP A 72 -13.88 0.19 3.25
N ASP A 73 -14.50 -0.90 2.80
CA ASP A 73 -14.18 -2.22 3.31
C ASP A 73 -12.67 -2.42 3.40
N LYS A 74 -11.93 -1.64 2.62
CA LYS A 74 -10.48 -1.72 2.61
C LYS A 74 -9.87 -0.90 3.74
N ILE A 75 -10.73 -0.47 4.67
CA ILE A 75 -10.28 0.34 5.80
C ILE A 75 -9.09 -0.32 6.51
N GLY A 76 -9.16 -1.65 6.63
CA GLY A 76 -8.09 -2.38 7.29
C GLY A 76 -6.76 -2.23 6.57
N LEU A 77 -6.80 -2.35 5.24
CA LEU A 77 -5.59 -2.23 4.43
C LEU A 77 -5.00 -0.83 4.54
N LYS A 78 -5.85 0.17 4.35
CA LYS A 78 -5.42 1.56 4.43
C LYS A 78 -4.82 1.87 5.79
N VAL A 79 -5.52 1.47 6.85
CA VAL A 79 -5.06 1.70 8.21
C VAL A 79 -3.69 1.07 8.44
N LEU A 80 -3.58 -0.22 8.18
CA LEU A 80 -2.33 -0.94 8.36
C LEU A 80 -1.23 -0.34 7.49
N PHE A 81 -1.58 0.05 6.27
CA PHE A 81 -0.63 0.64 5.34
C PHE A 81 0.03 1.88 5.96
N LYS A 82 -0.79 2.82 6.41
CA LYS A 82 -0.29 4.04 7.02
C LYS A 82 0.38 3.75 8.36
N LEU A 83 -0.27 2.91 9.16
CA LEU A 83 0.25 2.55 10.48
C LEU A 83 1.65 1.95 10.36
N MET A 84 1.84 1.10 9.35
CA MET A 84 3.13 0.45 9.13
C MET A 84 4.14 1.46 8.60
N ASP A 85 3.67 2.63 8.21
CA ASP A 85 4.53 3.69 7.69
C ASP A 85 5.06 4.57 8.81
N VAL A 86 5.89 3.99 9.66
CA VAL A 86 6.47 4.73 10.78
C VAL A 86 7.27 5.93 10.30
N ASP A 87 7.63 5.91 9.03
CA ASP A 87 8.39 7.01 8.43
C ASP A 87 7.47 8.17 8.05
N GLY A 88 6.17 7.98 8.27
CA GLY A 88 5.22 9.02 7.95
C GLY A 88 5.42 9.58 6.55
N ASP A 89 5.60 8.69 5.57
CA ASP A 89 5.81 9.10 4.19
C ASP A 89 4.50 9.01 3.40
N GLY A 90 3.59 8.16 3.87
CA GLY A 90 2.32 7.98 3.18
C GLY A 90 2.45 7.18 1.91
N LYS A 91 3.66 6.72 1.62
CA LYS A 91 3.91 5.93 0.42
C LYS A 91 4.97 4.86 0.69
N LEU A 92 4.76 3.67 0.16
CA LEU A 92 5.69 2.57 0.34
C LEU A 92 6.63 2.45 -0.87
N THR A 93 7.87 2.08 -0.61
CA THR A 93 8.86 1.93 -1.66
C THR A 93 8.93 0.49 -2.16
N LYS A 94 9.38 0.32 -3.40
CA LYS A 94 9.49 -1.01 -3.99
C LYS A 94 9.90 -2.05 -2.95
N GLU A 95 10.90 -1.70 -2.14
CA GLU A 95 11.40 -2.59 -1.10
C GLU A 95 10.36 -2.76 0.01
N GLU A 96 9.79 -1.64 0.43
CA GLU A 96 8.78 -1.65 1.49
C GLU A 96 7.55 -2.45 1.06
N VAL A 97 6.99 -2.10 -0.09
CA VAL A 97 5.81 -2.78 -0.61
C VAL A 97 6.05 -4.28 -0.74
N THR A 98 7.27 -4.64 -1.14
CA THR A 98 7.62 -6.05 -1.30
C THR A 98 7.67 -6.76 0.04
N SER A 99 8.26 -6.11 1.04
CA SER A 99 8.37 -6.69 2.37
C SER A 99 7.01 -6.73 3.05
N PHE A 100 6.21 -5.70 2.82
CA PHE A 100 4.88 -5.61 3.41
C PHE A 100 4.00 -6.76 2.95
N PHE A 101 3.96 -6.97 1.63
CA PHE A 101 3.15 -8.04 1.05
C PHE A 101 3.82 -9.39 1.25
N LYS A 102 5.14 -9.38 1.36
CA LYS A 102 5.91 -10.61 1.55
C LYS A 102 5.38 -11.39 2.76
N LYS A 103 4.83 -10.66 3.73
CA LYS A 103 4.30 -11.28 4.94
C LYS A 103 3.22 -12.32 4.59
N HIS A 104 2.53 -12.09 3.48
CA HIS A 104 1.48 -13.01 3.04
C HIS A 104 2.08 -14.16 2.23
N GLY A 105 3.34 -14.03 1.87
CA GLY A 105 4.01 -15.06 1.09
C GLY A 105 3.86 -14.85 -0.40
N ILE A 106 3.10 -13.82 -0.78
CA ILE A 106 2.88 -13.52 -2.18
C ILE A 106 3.97 -12.59 -2.73
N GLU A 107 4.65 -13.04 -3.77
CA GLU A 107 5.72 -12.25 -4.38
C GLU A 107 5.21 -11.48 -5.59
N LYS A 108 4.03 -11.86 -6.07
CA LYS A 108 3.41 -11.21 -7.22
C LYS A 108 3.29 -9.71 -6.99
N VAL A 109 3.21 -9.31 -5.73
CA VAL A 109 3.10 -7.90 -5.37
C VAL A 109 4.18 -7.07 -6.06
N ALA A 110 5.33 -7.69 -6.31
CA ALA A 110 6.44 -7.01 -6.95
C ALA A 110 6.11 -6.69 -8.41
N GLU A 111 5.56 -7.66 -9.13
CA GLU A 111 5.20 -7.48 -10.52
C GLU A 111 3.95 -6.61 -10.66
N GLN A 112 3.05 -6.73 -9.68
CA GLN A 112 1.81 -5.95 -9.69
C GLN A 112 2.09 -4.49 -9.36
N VAL A 113 2.93 -4.26 -8.34
CA VAL A 113 3.28 -2.91 -7.92
C VAL A 113 4.14 -2.21 -8.97
N MET A 114 4.94 -2.99 -9.68
CA MET A 114 5.81 -2.45 -10.72
C MET A 114 5.02 -2.15 -11.99
N LYS A 115 4.04 -3.01 -12.28
CA LYS A 115 3.21 -2.83 -13.47
C LYS A 115 2.10 -1.84 -13.22
N ALA A 116 1.75 -1.65 -11.95
CA ALA A 116 0.69 -0.73 -11.56
C ALA A 116 1.22 0.70 -11.45
N ASP A 117 2.54 0.83 -11.31
CA ASP A 117 3.17 2.13 -11.19
C ASP A 117 3.15 2.87 -12.52
N ALA A 118 2.01 3.51 -12.82
CA ALA A 118 1.87 4.26 -14.06
C ALA A 118 2.64 5.57 -14.00
N ASN A 119 3.00 6.00 -12.80
CA ASN A 119 3.74 7.24 -12.61
C ASN A 119 5.23 6.97 -12.43
N GLY A 120 5.59 5.69 -12.41
CA GLY A 120 6.99 5.31 -12.25
C GLY A 120 7.66 6.08 -11.13
N ASP A 121 6.89 6.46 -10.12
CA ASP A 121 7.41 7.20 -8.99
C ASP A 121 8.30 6.31 -8.12
N GLY A 122 8.11 5.00 -8.25
CA GLY A 122 8.89 4.06 -7.46
C GLY A 122 8.30 3.80 -6.10
N TYR A 123 7.21 4.48 -5.79
CA TYR A 123 6.53 4.32 -4.50
C TYR A 123 5.02 4.24 -4.68
N ILE A 124 4.34 3.72 -3.66
CA ILE A 124 2.89 3.58 -3.70
C ILE A 124 2.25 4.20 -2.47
N THR A 125 1.36 5.17 -2.69
CA THR A 125 0.67 5.85 -1.60
C THR A 125 -0.64 5.15 -1.27
N LEU A 126 -1.38 5.71 -0.32
CA LEU A 126 -2.65 5.14 0.09
C LEU A 126 -3.56 4.89 -1.11
N GLU A 127 -3.42 5.74 -2.12
CA GLU A 127 -4.22 5.61 -3.33
C GLU A 127 -4.02 4.24 -3.98
N GLU A 128 -2.77 3.90 -4.24
CA GLU A 128 -2.44 2.62 -4.87
C GLU A 128 -2.99 1.46 -4.04
N PHE A 129 -2.79 1.52 -2.73
CA PHE A 129 -3.27 0.49 -1.82
C PHE A 129 -4.78 0.28 -1.98
N LEU A 130 -5.50 1.38 -2.15
CA LEU A 130 -6.96 1.33 -2.30
C LEU A 130 -7.33 0.82 -3.69
N GLU A 131 -6.39 0.92 -4.63
CA GLU A 131 -6.62 0.47 -6.00
C GLU A 131 -6.39 -1.04 -6.12
N PHE A 132 -5.67 -1.60 -5.15
CA PHE A 132 -5.37 -3.02 -5.16
C PHE A 132 -6.11 -3.74 -4.02
N SER A 133 -7.43 -3.85 -4.16
CA SER A 133 -8.25 -4.50 -3.14
C SER A 133 -9.58 -4.96 -3.73
N LEU A 134 -9.61 -6.19 -4.21
CA LEU A 134 -10.83 -6.75 -4.80
C LEU A 134 -10.58 -8.14 -5.35
CA CA B . 6.36 4.12 4.19
CA CA C . 3.04 4.68 -8.39
N GLY A 67 -20.81 13.44 14.86
CA GLY A 67 -21.31 13.90 13.58
C GLY A 67 -20.33 13.62 12.46
N GLN A 68 -19.06 13.46 12.79
CA GLN A 68 -18.03 13.20 11.80
C GLN A 68 -18.19 11.81 11.21
N ASP A 69 -18.26 11.74 9.87
CA ASP A 69 -18.43 10.46 9.19
C ASP A 69 -17.19 9.59 9.36
N LEU A 70 -17.40 8.29 9.56
CA LEU A 70 -16.31 7.36 9.75
C LEU A 70 -15.40 7.33 8.52
N SER A 71 -14.49 6.36 8.49
CA SER A 71 -13.55 6.23 7.38
C SER A 71 -14.02 5.15 6.41
N ASP A 72 -13.85 5.40 5.12
CA ASP A 72 -14.25 4.45 4.09
C ASP A 72 -14.02 3.01 4.57
N ASP A 73 -14.85 2.09 4.09
CA ASP A 73 -14.74 0.68 4.45
C ASP A 73 -13.28 0.23 4.40
N LYS A 74 -12.47 0.93 3.62
CA LYS A 74 -11.06 0.60 3.48
C LYS A 74 -10.24 1.19 4.63
N ILE A 75 -10.94 1.68 5.65
CA ILE A 75 -10.27 2.27 6.81
C ILE A 75 -9.19 1.34 7.36
N GLY A 76 -9.49 0.06 7.40
CA GLY A 76 -8.53 -0.92 7.90
C GLY A 76 -7.27 -0.96 7.05
N LEU A 77 -7.44 -0.98 5.73
CA LEU A 77 -6.31 -1.03 4.82
C LEU A 77 -5.43 0.20 4.97
N LYS A 78 -6.05 1.38 5.00
CA LYS A 78 -5.33 2.64 5.15
C LYS A 78 -4.59 2.68 6.48
N VAL A 79 -5.26 2.26 7.54
CA VAL A 79 -4.68 2.25 8.87
C VAL A 79 -3.42 1.37 8.91
N LEU A 80 -3.58 0.12 8.50
CA LEU A 80 -2.46 -0.82 8.49
C LEU A 80 -1.29 -0.26 7.68
N PHE A 81 -1.56 0.16 6.45
CA PHE A 81 -0.54 0.71 5.58
C PHE A 81 0.25 1.80 6.29
N LYS A 82 -0.46 2.81 6.80
CA LYS A 82 0.17 3.91 7.51
C LYS A 82 0.92 3.41 8.74
N LEU A 83 0.29 2.52 9.49
CA LEU A 83 0.90 1.96 10.69
C LEU A 83 2.25 1.34 10.38
N MET A 84 2.32 0.62 9.26
CA MET A 84 3.56 -0.04 8.84
C MET A 84 4.57 0.99 8.36
N ASP A 85 4.11 2.22 8.16
CA ASP A 85 4.98 3.30 7.69
C ASP A 85 5.31 4.26 8.83
N VAL A 86 6.19 3.83 9.73
CA VAL A 86 6.58 4.66 10.86
C VAL A 86 7.30 5.93 10.40
N ASP A 87 7.67 5.95 9.13
CA ASP A 87 8.35 7.10 8.56
C ASP A 87 7.37 8.21 8.21
N GLY A 88 6.08 7.94 8.42
CA GLY A 88 5.06 8.91 8.12
C GLY A 88 5.25 9.58 6.77
N ASP A 89 5.55 8.77 5.76
CA ASP A 89 5.77 9.28 4.41
C ASP A 89 4.46 9.27 3.61
N GLY A 90 3.53 8.42 4.02
CA GLY A 90 2.26 8.33 3.32
C GLY A 90 2.34 7.48 2.08
N LYS A 91 3.54 7.02 1.76
CA LYS A 91 3.75 6.18 0.58
C LYS A 91 4.74 5.06 0.87
N LEU A 92 4.69 3.99 0.08
CA LEU A 92 5.58 2.86 0.25
C LEU A 92 6.35 2.58 -1.03
N THR A 93 7.61 2.17 -0.88
CA THR A 93 8.46 1.87 -2.02
C THR A 93 8.38 0.39 -2.39
N LYS A 94 8.69 0.08 -3.65
CA LYS A 94 8.66 -1.30 -4.13
C LYS A 94 9.15 -2.27 -3.04
N GLU A 95 10.35 -2.02 -2.53
CA GLU A 95 10.92 -2.86 -1.50
C GLU A 95 9.96 -3.01 -0.32
N GLU A 96 9.36 -1.90 0.09
CA GLU A 96 8.42 -1.91 1.20
C GLU A 96 7.22 -2.81 0.90
N VAL A 97 6.65 -2.65 -0.29
CA VAL A 97 5.51 -3.44 -0.71
C VAL A 97 5.81 -4.93 -0.62
N THR A 98 7.06 -5.29 -0.88
CA THR A 98 7.48 -6.69 -0.83
C THR A 98 7.61 -7.18 0.61
N SER A 99 7.96 -6.26 1.51
CA SER A 99 8.12 -6.59 2.92
C SER A 99 6.77 -6.89 3.56
N PHE A 100 5.80 -6.02 3.31
CA PHE A 100 4.46 -6.18 3.87
C PHE A 100 3.76 -7.40 3.27
N PHE A 101 3.94 -7.59 1.97
CA PHE A 101 3.33 -8.71 1.26
C PHE A 101 4.08 -10.01 1.56
N LYS A 102 5.36 -9.88 1.90
CA LYS A 102 6.19 -11.04 2.22
C LYS A 102 5.53 -11.91 3.28
N LYS A 103 4.74 -11.29 4.14
CA LYS A 103 4.04 -12.00 5.21
C LYS A 103 3.18 -13.12 4.63
N HIS A 104 2.78 -12.98 3.37
CA HIS A 104 1.96 -13.98 2.71
C HIS A 104 2.81 -14.92 1.87
N GLY A 105 4.01 -14.46 1.52
CA GLY A 105 4.90 -15.27 0.72
C GLY A 105 4.75 -15.03 -0.77
N ILE A 106 3.77 -14.21 -1.12
CA ILE A 106 3.51 -13.88 -2.52
C ILE A 106 4.49 -12.83 -3.04
N GLU A 107 5.14 -13.13 -4.16
CA GLU A 107 6.10 -12.22 -4.75
C GLU A 107 5.48 -11.46 -5.92
N LYS A 108 4.33 -11.93 -6.38
CA LYS A 108 3.62 -11.31 -7.50
C LYS A 108 3.38 -9.82 -7.23
N VAL A 109 3.31 -9.46 -5.94
CA VAL A 109 3.09 -8.08 -5.55
C VAL A 109 4.09 -7.15 -6.23
N ALA A 110 5.28 -7.66 -6.49
CA ALA A 110 6.33 -6.89 -7.15
C ALA A 110 5.93 -6.51 -8.56
N GLU A 111 5.41 -7.47 -9.30
CA GLU A 111 4.99 -7.25 -10.68
C GLU A 111 3.71 -6.40 -10.73
N GLN A 112 2.86 -6.57 -9.72
CA GLN A 112 1.61 -5.83 -9.65
C GLN A 112 1.87 -4.36 -9.32
N VAL A 113 2.74 -4.12 -8.35
CA VAL A 113 3.07 -2.76 -7.94
C VAL A 113 3.86 -2.04 -9.02
N MET A 114 4.65 -2.80 -9.78
CA MET A 114 5.47 -2.23 -10.84
C MET A 114 4.61 -1.94 -12.08
N LYS A 115 3.64 -2.82 -12.33
CA LYS A 115 2.76 -2.67 -13.48
C LYS A 115 1.62 -1.70 -13.17
N ALA A 116 1.34 -1.52 -11.89
CA ALA A 116 0.27 -0.63 -11.45
C ALA A 116 0.78 0.81 -11.33
N ASP A 117 2.09 0.96 -11.25
CA ASP A 117 2.71 2.28 -11.13
C ASP A 117 2.99 2.87 -12.52
N ALA A 118 1.96 3.47 -13.11
CA ALA A 118 2.09 4.07 -14.44
C ALA A 118 2.86 5.39 -14.36
N ASN A 119 2.94 5.95 -13.16
CA ASN A 119 3.65 7.21 -12.95
C ASN A 119 5.14 6.97 -12.71
N GLY A 120 5.52 5.70 -12.67
CA GLY A 120 6.92 5.35 -12.45
C GLY A 120 7.52 6.10 -11.27
N ASP A 121 6.68 6.43 -10.30
CA ASP A 121 7.13 7.15 -9.12
C ASP A 121 7.96 6.25 -8.21
N GLY A 122 7.81 4.94 -8.38
CA GLY A 122 8.55 3.99 -7.58
C GLY A 122 7.99 3.84 -6.18
N TYR A 123 6.90 4.56 -5.91
CA TYR A 123 6.26 4.51 -4.59
C TYR A 123 4.74 4.51 -4.72
N ILE A 124 4.06 4.04 -3.69
CA ILE A 124 2.60 4.00 -3.68
C ILE A 124 2.03 4.60 -2.41
N THR A 125 1.12 5.55 -2.56
CA THR A 125 0.49 6.21 -1.42
C THR A 125 -0.77 5.49 -0.98
N LEU A 126 -1.44 6.02 0.02
CA LEU A 126 -2.68 5.43 0.53
C LEU A 126 -3.66 5.16 -0.60
N GLU A 127 -3.69 6.07 -1.58
CA GLU A 127 -4.59 5.94 -2.72
C GLU A 127 -4.31 4.64 -3.48
N GLU A 128 -3.06 4.48 -3.93
CA GLU A 128 -2.67 3.29 -4.67
C GLU A 128 -2.94 2.03 -3.86
N PHE A 129 -2.60 2.06 -2.58
CA PHE A 129 -2.82 0.92 -1.71
C PHE A 129 -4.28 0.50 -1.69
N LEU A 130 -5.17 1.50 -1.70
CA LEU A 130 -6.61 1.24 -1.68
C LEU A 130 -7.08 0.75 -3.04
N GLU A 131 -6.28 1.01 -4.08
CA GLU A 131 -6.63 0.60 -5.44
C GLU A 131 -6.23 -0.86 -5.67
N PHE A 132 -5.34 -1.37 -4.83
CA PHE A 132 -4.88 -2.75 -4.94
C PHE A 132 -5.43 -3.61 -3.82
N SER A 133 -6.74 -3.85 -3.86
CA SER A 133 -7.40 -4.66 -2.83
C SER A 133 -8.71 -5.23 -3.36
N LEU A 134 -8.64 -6.45 -3.91
CA LEU A 134 -9.81 -7.11 -4.45
C LEU A 134 -9.44 -8.44 -5.09
CA CA B . 6.87 3.88 4.21
CA CA C . 2.81 4.94 -8.43
N GLY A 67 -18.57 13.63 16.70
CA GLY A 67 -19.18 14.21 15.52
C GLY A 67 -18.45 13.83 14.24
N GLN A 68 -17.21 13.39 14.38
CA GLN A 68 -16.41 13.00 13.23
C GLN A 68 -16.94 11.71 12.61
N ASP A 69 -17.20 11.75 11.30
CA ASP A 69 -17.72 10.58 10.60
C ASP A 69 -16.69 9.47 10.55
N LEU A 70 -17.15 8.23 10.68
CA LEU A 70 -16.27 7.07 10.67
C LEU A 70 -15.46 7.02 9.38
N SER A 71 -14.61 6.01 9.26
CA SER A 71 -13.77 5.85 8.08
C SER A 71 -14.29 4.71 7.20
N ASP A 72 -14.22 4.91 5.89
CA ASP A 72 -14.67 3.91 4.94
C ASP A 72 -14.38 2.50 5.45
N ASP A 73 -15.22 1.55 5.07
CA ASP A 73 -15.05 0.17 5.49
C ASP A 73 -13.59 -0.27 5.34
N LYS A 74 -12.86 0.42 4.48
CA LYS A 74 -11.45 0.11 4.24
C LYS A 74 -10.57 0.77 5.28
N ILE A 75 -11.19 1.30 6.34
CA ILE A 75 -10.45 1.95 7.41
C ILE A 75 -9.30 1.09 7.90
N GLY A 76 -9.55 -0.21 8.02
CA GLY A 76 -8.52 -1.12 8.48
C GLY A 76 -7.32 -1.14 7.57
N LEU A 77 -7.56 -1.26 6.26
CA LEU A 77 -6.49 -1.30 5.29
C LEU A 77 -5.68 -0.01 5.31
N LYS A 78 -6.36 1.11 5.20
CA LYS A 78 -5.71 2.42 5.22
C LYS A 78 -4.84 2.57 6.47
N VAL A 79 -5.37 2.15 7.61
CA VAL A 79 -4.64 2.24 8.87
C VAL A 79 -3.35 1.43 8.82
N LEU A 80 -3.48 0.15 8.45
CA LEU A 80 -2.33 -0.73 8.36
C LEU A 80 -1.23 -0.11 7.50
N PHE A 81 -1.61 0.40 6.34
CA PHE A 81 -0.66 1.03 5.43
C PHE A 81 0.06 2.20 6.11
N LYS A 82 -0.73 3.14 6.61
CA LYS A 82 -0.18 4.31 7.29
C LYS A 82 0.76 3.89 8.42
N LEU A 83 0.28 3.01 9.29
CA LEU A 83 1.07 2.54 10.41
C LEU A 83 2.29 1.76 9.92
N MET A 84 2.20 1.22 8.72
CA MET A 84 3.29 0.45 8.13
C MET A 84 4.46 1.37 7.76
N ASP A 85 4.13 2.57 7.30
CA ASP A 85 5.15 3.54 6.91
C ASP A 85 5.63 4.34 8.11
N VAL A 86 6.50 3.74 8.91
CA VAL A 86 7.04 4.39 10.09
C VAL A 86 7.73 5.70 9.73
N ASP A 87 8.06 5.85 8.45
CA ASP A 87 8.72 7.06 7.98
C ASP A 87 7.72 8.19 7.77
N GLY A 88 6.45 7.89 8.01
CA GLY A 88 5.41 8.89 7.85
C GLY A 88 5.50 9.62 6.53
N ASP A 89 5.69 8.86 5.45
CA ASP A 89 5.80 9.43 4.12
C ASP A 89 4.46 9.36 3.38
N GLY A 90 3.58 8.48 3.84
CA GLY A 90 2.28 8.32 3.22
C GLY A 90 2.34 7.48 1.97
N LYS A 91 3.55 7.09 1.57
CA LYS A 91 3.75 6.28 0.37
C LYS A 91 4.70 5.13 0.64
N LEU A 92 4.35 3.94 0.16
CA LEU A 92 5.19 2.76 0.35
C LEU A 92 6.06 2.52 -0.88
N THR A 93 7.30 2.11 -0.64
CA THR A 93 8.24 1.84 -1.73
C THR A 93 8.23 0.35 -2.09
N LYS A 94 8.67 0.06 -3.31
CA LYS A 94 8.73 -1.33 -3.78
C LYS A 94 9.14 -2.27 -2.66
N GLU A 95 10.27 -1.98 -2.03
CA GLU A 95 10.76 -2.80 -0.94
C GLU A 95 9.69 -3.00 0.13
N GLU A 96 9.02 -1.92 0.49
CA GLU A 96 7.97 -1.97 1.50
C GLU A 96 6.82 -2.88 1.05
N VAL A 97 6.40 -2.71 -0.19
CA VAL A 97 5.31 -3.51 -0.75
C VAL A 97 5.61 -5.00 -0.62
N THR A 98 6.89 -5.35 -0.72
CA THR A 98 7.33 -6.74 -0.61
C THR A 98 7.23 -7.24 0.83
N SER A 99 7.54 -6.36 1.77
CA SER A 99 7.50 -6.71 3.19
C SER A 99 6.06 -6.91 3.66
N PHE A 100 5.17 -6.05 3.18
CA PHE A 100 3.76 -6.14 3.55
C PHE A 100 3.11 -7.36 2.93
N PHE A 101 3.40 -7.60 1.66
CA PHE A 101 2.83 -8.74 0.95
C PHE A 101 3.53 -10.04 1.36
N LYS A 102 4.76 -9.92 1.84
CA LYS A 102 5.54 -11.07 2.27
C LYS A 102 4.75 -11.91 3.27
N LYS A 103 3.86 -11.27 4.01
CA LYS A 103 3.04 -11.95 5.00
C LYS A 103 2.26 -13.09 4.35
N HIS A 104 2.02 -12.98 3.05
CA HIS A 104 1.29 -14.01 2.32
C HIS A 104 2.24 -14.96 1.60
N GLY A 105 3.47 -14.49 1.37
CA GLY A 105 4.47 -15.31 0.70
C GLY A 105 4.49 -15.06 -0.80
N ILE A 106 3.56 -14.25 -1.28
CA ILE A 106 3.48 -13.94 -2.70
C ILE A 106 4.46 -12.83 -3.07
N GLU A 107 5.23 -13.05 -4.12
CA GLU A 107 6.20 -12.06 -4.59
C GLU A 107 5.69 -11.33 -5.82
N LYS A 108 4.60 -11.84 -6.39
CA LYS A 108 4.01 -11.23 -7.58
C LYS A 108 3.69 -9.77 -7.34
N VAL A 109 3.48 -9.40 -6.07
CA VAL A 109 3.18 -8.02 -5.71
C VAL A 109 4.19 -7.06 -6.31
N ALA A 110 5.41 -7.53 -6.50
CA ALA A 110 6.47 -6.71 -7.07
C ALA A 110 6.18 -6.35 -8.51
N GLU A 111 5.75 -7.35 -9.29
CA GLU A 111 5.44 -7.13 -10.70
C GLU A 111 4.13 -6.34 -10.85
N GLN A 112 3.22 -6.55 -9.91
CA GLN A 112 1.92 -5.86 -9.93
C GLN A 112 2.09 -4.39 -9.59
N VAL A 113 2.87 -4.12 -8.55
CA VAL A 113 3.10 -2.74 -8.12
C VAL A 113 3.95 -1.98 -9.14
N MET A 114 4.82 -2.70 -9.83
CA MET A 114 5.68 -2.09 -10.84
C MET A 114 4.90 -1.83 -12.13
N LYS A 115 3.99 -2.72 -12.45
CA LYS A 115 3.17 -2.58 -13.65
C LYS A 115 1.97 -1.67 -13.40
N ALA A 116 1.61 -1.53 -12.13
CA ALA A 116 0.47 -0.69 -11.75
C ALA A 116 0.90 0.77 -11.61
N ASP A 117 2.20 0.99 -11.44
CA ASP A 117 2.75 2.34 -11.30
C ASP A 117 3.20 2.89 -12.64
N ALA A 118 2.26 3.45 -13.39
CA ALA A 118 2.57 4.01 -14.70
C ALA A 118 3.41 5.28 -14.57
N ASN A 119 3.40 5.86 -13.38
CA ASN A 119 4.16 7.08 -13.11
C ASN A 119 5.61 6.75 -12.78
N GLY A 120 5.91 5.46 -12.72
CA GLY A 120 7.27 5.04 -12.40
C GLY A 120 7.82 5.73 -11.18
N ASP A 121 6.94 6.14 -10.27
CA ASP A 121 7.34 6.83 -9.05
C ASP A 121 8.11 5.89 -8.13
N GLY A 122 7.87 4.59 -8.28
CA GLY A 122 8.54 3.60 -7.46
C GLY A 122 7.91 3.48 -6.08
N TYR A 123 6.90 4.30 -5.82
CA TYR A 123 6.21 4.29 -4.53
C TYR A 123 4.71 4.45 -4.72
N ILE A 124 3.94 3.95 -3.75
CA ILE A 124 2.49 4.05 -3.80
C ILE A 124 1.94 4.72 -2.55
N THR A 125 1.11 5.75 -2.75
CA THR A 125 0.52 6.48 -1.63
C THR A 125 -0.76 5.80 -1.15
N LEU A 126 -1.41 6.42 -0.18
CA LEU A 126 -2.65 5.87 0.37
C LEU A 126 -3.63 5.51 -0.74
N GLU A 127 -3.81 6.43 -1.68
CA GLU A 127 -4.72 6.21 -2.80
C GLU A 127 -4.34 4.93 -3.55
N GLU A 128 -3.10 4.85 -3.99
CA GLU A 128 -2.61 3.69 -4.72
C GLU A 128 -2.82 2.41 -3.90
N PHE A 129 -2.59 2.51 -2.60
CA PHE A 129 -2.73 1.36 -1.70
C PHE A 129 -4.17 0.86 -1.70
N LEU A 130 -5.12 1.79 -1.74
CA LEU A 130 -6.54 1.44 -1.73
C LEU A 130 -6.94 0.85 -3.09
N GLU A 131 -6.19 1.19 -4.12
CA GLU A 131 -6.49 0.69 -5.47
C GLU A 131 -5.87 -0.68 -5.68
N PHE A 132 -4.91 -1.05 -4.83
CA PHE A 132 -4.24 -2.33 -4.94
C PHE A 132 -4.59 -3.21 -3.74
N SER A 133 -5.84 -3.68 -3.70
CA SER A 133 -6.30 -4.53 -2.61
C SER A 133 -7.53 -5.33 -3.03
N LEU A 134 -7.30 -6.53 -3.55
CA LEU A 134 -8.39 -7.39 -3.99
C LEU A 134 -7.85 -8.67 -4.63
CA CA B . 6.89 3.99 3.74
CA CA C . 2.91 5.22 -8.39
N GLY A 67 -20.54 11.70 16.74
CA GLY A 67 -20.82 12.63 15.67
C GLY A 67 -19.77 12.59 14.57
N GLN A 68 -18.57 12.15 14.93
CA GLN A 68 -17.47 12.06 13.97
C GLN A 68 -17.73 10.95 12.95
N ASP A 69 -17.68 11.32 11.66
CA ASP A 69 -17.91 10.36 10.60
C ASP A 69 -16.81 9.30 10.56
N LEU A 70 -17.21 8.04 10.61
CA LEU A 70 -16.26 6.93 10.60
C LEU A 70 -15.41 6.96 9.32
N SER A 71 -14.54 5.97 9.16
CA SER A 71 -13.68 5.88 7.99
C SER A 71 -14.16 4.81 7.03
N ASP A 72 -14.07 5.09 5.74
CA ASP A 72 -14.50 4.14 4.71
C ASP A 72 -14.22 2.71 5.15
N ASP A 73 -15.06 1.78 4.70
CA ASP A 73 -14.89 0.37 5.04
C ASP A 73 -13.44 -0.05 4.90
N LYS A 74 -12.68 0.69 4.09
CA LYS A 74 -11.27 0.39 3.87
C LYS A 74 -10.41 0.98 4.98
N ILE A 75 -11.06 1.43 6.05
CA ILE A 75 -10.34 2.01 7.18
C ILE A 75 -9.21 1.12 7.64
N GLY A 76 -9.48 -0.19 7.68
CA GLY A 76 -8.46 -1.13 8.11
C GLY A 76 -7.25 -1.13 7.21
N LEU A 77 -7.48 -1.12 5.90
CA LEU A 77 -6.39 -1.10 4.92
C LEU A 77 -5.54 0.15 5.07
N LYS A 78 -6.20 1.30 5.14
CA LYS A 78 -5.50 2.58 5.28
C LYS A 78 -4.72 2.63 6.59
N VAL A 79 -5.36 2.19 7.67
CA VAL A 79 -4.72 2.18 8.98
C VAL A 79 -3.45 1.35 8.97
N LEU A 80 -3.56 0.10 8.53
CA LEU A 80 -2.41 -0.80 8.46
C LEU A 80 -1.30 -0.19 7.62
N PHE A 81 -1.64 0.28 6.42
CA PHE A 81 -0.66 0.88 5.53
C PHE A 81 0.15 1.95 6.26
N LYS A 82 -0.55 2.91 6.85
CA LYS A 82 0.10 3.99 7.58
C LYS A 82 0.88 3.45 8.77
N LEU A 83 0.25 2.56 9.53
CA LEU A 83 0.88 1.97 10.71
C LEU A 83 2.20 1.31 10.34
N MET A 84 2.22 0.63 9.21
CA MET A 84 3.43 -0.05 8.74
C MET A 84 4.46 0.97 8.25
N ASP A 85 4.02 2.21 8.04
CA ASP A 85 4.91 3.26 7.58
C ASP A 85 5.26 4.21 8.73
N VAL A 86 6.14 3.75 9.61
CA VAL A 86 6.57 4.56 10.75
C VAL A 86 7.26 5.84 10.29
N ASP A 87 7.65 5.87 9.01
CA ASP A 87 8.32 7.04 8.44
C ASP A 87 7.31 8.12 8.08
N GLY A 88 6.02 7.82 8.27
CA GLY A 88 4.99 8.77 7.95
C GLY A 88 5.20 9.44 6.60
N ASP A 89 5.52 8.64 5.60
CA ASP A 89 5.75 9.15 4.25
C ASP A 89 4.47 9.10 3.42
N GLY A 90 3.53 8.26 3.84
CA GLY A 90 2.28 8.12 3.13
C GLY A 90 2.40 7.30 1.87
N LYS A 91 3.62 6.82 1.60
CA LYS A 91 3.88 6.02 0.41
C LYS A 91 4.85 4.89 0.72
N LEU A 92 4.87 3.88 -0.14
CA LEU A 92 5.76 2.73 0.03
C LEU A 92 6.65 2.55 -1.18
N THR A 93 7.86 2.04 -0.94
CA THR A 93 8.82 1.80 -2.01
C THR A 93 8.74 0.37 -2.53
N LYS A 94 9.10 0.18 -3.79
CA LYS A 94 9.06 -1.14 -4.41
C LYS A 94 9.46 -2.23 -3.40
N GLU A 95 10.69 -2.12 -2.90
CA GLU A 95 11.20 -3.09 -1.93
C GLU A 95 10.25 -3.21 -0.74
N GLU A 96 9.79 -2.07 -0.24
CA GLU A 96 8.88 -2.05 0.91
C GLU A 96 7.60 -2.79 0.59
N VAL A 97 6.99 -2.47 -0.55
CA VAL A 97 5.76 -3.11 -0.98
C VAL A 97 5.87 -4.63 -0.90
N THR A 98 6.99 -5.16 -1.40
CA THR A 98 7.21 -6.60 -1.39
C THR A 98 7.43 -7.11 0.03
N SER A 99 8.00 -6.26 0.88
CA SER A 99 8.27 -6.62 2.26
C SER A 99 6.98 -6.75 3.06
N PHE A 100 6.13 -5.73 2.96
CA PHE A 100 4.86 -5.71 3.67
C PHE A 100 3.93 -6.81 3.15
N PHE A 101 3.95 -7.01 1.84
CA PHE A 101 3.12 -8.03 1.21
C PHE A 101 3.70 -9.43 1.43
N LYS A 102 5.02 -9.48 1.62
CA LYS A 102 5.69 -10.75 1.84
C LYS A 102 5.05 -11.53 2.99
N LYS A 103 4.46 -10.79 3.92
CA LYS A 103 3.80 -11.42 5.08
C LYS A 103 2.73 -12.41 4.62
N HIS A 104 2.22 -12.20 3.41
CA HIS A 104 1.19 -13.07 2.86
C HIS A 104 1.82 -14.25 2.13
N GLY A 105 3.07 -14.08 1.71
CA GLY A 105 3.76 -15.14 0.99
C GLY A 105 3.70 -14.96 -0.51
N ILE A 106 2.83 -14.07 -0.96
CA ILE A 106 2.68 -13.81 -2.39
C ILE A 106 3.77 -12.86 -2.89
N GLU A 107 4.42 -13.24 -3.99
CA GLU A 107 5.47 -12.41 -4.57
C GLU A 107 4.96 -11.62 -5.76
N LYS A 108 3.80 -12.02 -6.27
CA LYS A 108 3.19 -11.35 -7.41
C LYS A 108 3.02 -9.86 -7.13
N VAL A 109 2.90 -9.50 -5.86
CA VAL A 109 2.73 -8.12 -5.46
C VAL A 109 3.81 -7.24 -6.08
N ALA A 110 4.99 -7.81 -6.31
CA ALA A 110 6.10 -7.09 -6.90
C ALA A 110 5.78 -6.66 -8.33
N GLU A 111 5.22 -7.59 -9.10
CA GLU A 111 4.87 -7.31 -10.49
C GLU A 111 3.65 -6.39 -10.57
N GLN A 112 2.76 -6.51 -9.59
CA GLN A 112 1.56 -5.70 -9.56
C GLN A 112 1.87 -4.26 -9.17
N VAL A 113 2.72 -4.11 -8.14
CA VAL A 113 3.12 -2.78 -7.68
C VAL A 113 3.98 -2.06 -8.70
N MET A 114 4.75 -2.84 -9.46
CA MET A 114 5.63 -2.28 -10.48
C MET A 114 4.85 -1.95 -11.75
N LYS A 115 3.86 -2.78 -12.06
CA LYS A 115 3.03 -2.58 -13.25
C LYS A 115 1.93 -1.56 -12.97
N ALA A 116 1.60 -1.39 -11.69
CA ALA A 116 0.56 -0.45 -11.31
C ALA A 116 1.12 0.97 -11.22
N ASP A 117 2.44 1.08 -11.13
CA ASP A 117 3.09 2.39 -11.04
C ASP A 117 3.06 3.10 -12.39
N ALA A 118 1.93 3.73 -12.70
CA ALA A 118 1.77 4.46 -13.94
C ALA A 118 2.52 5.78 -13.92
N ASN A 119 2.68 6.35 -12.72
CA ASN A 119 3.38 7.62 -12.56
C ASN A 119 4.89 7.39 -12.47
N GLY A 120 5.30 6.13 -12.49
CA GLY A 120 6.71 5.81 -12.42
C GLY A 120 7.40 6.54 -11.27
N ASP A 121 6.65 6.84 -10.22
CA ASP A 121 7.20 7.53 -9.07
C ASP A 121 8.14 6.62 -8.27
N GLY A 122 7.99 5.32 -8.46
CA GLY A 122 8.82 4.36 -7.76
C GLY A 122 8.27 3.98 -6.40
N TYR A 123 7.12 4.57 -6.06
CA TYR A 123 6.48 4.30 -4.77
C TYR A 123 4.96 4.36 -4.88
N ILE A 124 4.28 3.77 -3.92
CA ILE A 124 2.82 3.77 -3.91
C ILE A 124 2.28 4.45 -2.67
N THR A 125 1.42 5.45 -2.87
CA THR A 125 0.82 6.18 -1.76
C THR A 125 -0.39 5.45 -1.21
N LEU A 126 -1.05 6.07 -0.22
CA LEU A 126 -2.23 5.48 0.40
C LEU A 126 -3.26 5.09 -0.66
N GLU A 127 -3.54 6.02 -1.56
CA GLU A 127 -4.51 5.77 -2.63
C GLU A 127 -4.18 4.49 -3.39
N GLU A 128 -2.93 4.40 -3.86
CA GLU A 128 -2.49 3.22 -4.60
C GLU A 128 -2.71 1.95 -3.80
N PHE A 129 -2.31 1.98 -2.53
CA PHE A 129 -2.45 0.83 -1.65
C PHE A 129 -3.91 0.36 -1.61
N LEU A 130 -4.83 1.31 -1.59
CA LEU A 130 -6.25 1.01 -1.55
C LEU A 130 -6.74 0.49 -2.91
N GLU A 131 -5.97 0.80 -3.95
CA GLU A 131 -6.32 0.35 -5.30
C GLU A 131 -5.86 -1.08 -5.55
N PHE A 132 -4.93 -1.54 -4.72
CA PHE A 132 -4.41 -2.89 -4.85
C PHE A 132 -4.89 -3.78 -3.70
N SER A 133 -6.17 -4.10 -3.70
CA SER A 133 -6.76 -4.93 -2.66
C SER A 133 -8.05 -5.58 -3.15
N LEU A 134 -7.93 -6.78 -3.69
CA LEU A 134 -9.09 -7.51 -4.20
C LEU A 134 -8.67 -8.82 -4.87
CA CA B . 6.98 3.73 4.10
CA CA C . 3.00 4.88 -8.49
N GLY A 67 -18.51 14.72 15.87
CA GLY A 67 -18.64 15.60 14.72
C GLY A 67 -17.68 15.22 13.60
N GLN A 68 -16.57 14.59 13.96
CA GLN A 68 -15.57 14.19 12.98
C GLN A 68 -16.10 13.06 12.10
N ASP A 69 -16.05 13.27 10.80
CA ASP A 69 -16.52 12.26 9.84
C ASP A 69 -15.64 11.02 9.89
N LEU A 70 -16.27 9.86 10.01
CA LEU A 70 -15.55 8.59 10.07
C LEU A 70 -14.76 8.37 8.78
N SER A 71 -14.03 7.26 8.73
CA SER A 71 -13.22 6.92 7.56
C SER A 71 -13.89 5.80 6.76
N ASP A 72 -13.81 5.91 5.44
CA ASP A 72 -14.40 4.91 4.55
C ASP A 72 -14.27 3.51 5.15
N ASP A 73 -15.24 2.65 4.85
CA ASP A 73 -15.23 1.28 5.36
C ASP A 73 -13.84 0.66 5.24
N LYS A 74 -13.04 1.20 4.32
CA LYS A 74 -11.69 0.70 4.10
C LYS A 74 -10.71 1.31 5.11
N ILE A 75 -11.26 1.97 6.12
CA ILE A 75 -10.43 2.60 7.15
C ILE A 75 -9.40 1.62 7.70
N GLY A 76 -9.82 0.39 7.92
CA GLY A 76 -8.93 -0.63 8.44
C GLY A 76 -7.72 -0.85 7.55
N LEU A 77 -7.97 -0.98 6.25
CA LEU A 77 -6.89 -1.20 5.29
C LEU A 77 -5.94 -0.01 5.26
N LYS A 78 -6.49 1.18 5.06
CA LYS A 78 -5.70 2.40 5.02
C LYS A 78 -4.89 2.58 6.29
N VAL A 79 -5.55 2.41 7.44
CA VAL A 79 -4.89 2.54 8.73
C VAL A 79 -3.70 1.60 8.84
N LEU A 80 -3.95 0.32 8.55
CA LEU A 80 -2.89 -0.69 8.63
C LEU A 80 -1.69 -0.29 7.77
N PHE A 81 -1.95 0.01 6.51
CA PHE A 81 -0.89 0.42 5.59
C PHE A 81 -0.04 1.53 6.19
N LYS A 82 -0.70 2.61 6.58
CA LYS A 82 -0.02 3.75 7.18
C LYS A 82 0.72 3.35 8.45
N LEU A 83 0.06 2.54 9.28
CA LEU A 83 0.65 2.07 10.53
C LEU A 83 1.99 1.39 10.28
N MET A 84 2.05 0.61 9.20
CA MET A 84 3.28 -0.11 8.84
C MET A 84 4.35 0.86 8.35
N ASP A 85 3.93 2.08 8.03
CA ASP A 85 4.86 3.10 7.54
C ASP A 85 5.28 4.03 8.68
N VAL A 86 6.16 3.54 9.55
CA VAL A 86 6.65 4.33 10.67
C VAL A 86 7.37 5.59 10.20
N ASP A 87 7.69 5.62 8.90
CA ASP A 87 8.37 6.77 8.32
C ASP A 87 7.39 7.91 8.05
N GLY A 88 6.12 7.65 8.31
CA GLY A 88 5.10 8.67 8.08
C GLY A 88 5.26 9.37 6.75
N ASP A 89 5.50 8.58 5.69
CA ASP A 89 5.68 9.13 4.36
C ASP A 89 4.36 9.12 3.59
N GLY A 90 3.43 8.27 4.02
CA GLY A 90 2.14 8.18 3.36
C GLY A 90 2.20 7.35 2.09
N LYS A 91 3.40 6.90 1.74
CA LYS A 91 3.58 6.08 0.55
C LYS A 91 4.55 4.94 0.80
N LEU A 92 4.29 3.79 0.20
CA LEU A 92 5.13 2.62 0.37
C LEU A 92 6.12 2.48 -0.80
N THR A 93 7.35 2.09 -0.48
CA THR A 93 8.37 1.92 -1.51
C THR A 93 8.45 0.48 -1.98
N LYS A 94 8.94 0.27 -3.20
CA LYS A 94 9.07 -1.06 -3.77
C LYS A 94 9.55 -2.06 -2.71
N GLU A 95 10.71 -1.77 -2.12
CA GLU A 95 11.27 -2.65 -1.10
C GLU A 95 10.25 -2.94 0.00
N GLU A 96 9.49 -1.91 0.39
CA GLU A 96 8.48 -2.07 1.42
C GLU A 96 7.33 -2.95 0.93
N VAL A 97 6.98 -2.80 -0.34
CA VAL A 97 5.90 -3.57 -0.94
C VAL A 97 6.20 -5.07 -0.87
N THR A 98 7.47 -5.42 -0.98
CA THR A 98 7.88 -6.82 -0.93
C THR A 98 7.85 -7.35 0.49
N SER A 99 8.25 -6.51 1.45
CA SER A 99 8.27 -6.90 2.85
C SER A 99 6.86 -7.01 3.40
N PHE A 100 6.03 -6.01 3.10
CA PHE A 100 4.66 -5.99 3.57
C PHE A 100 3.86 -7.14 2.96
N PHE A 101 4.04 -7.36 1.66
CA PHE A 101 3.34 -8.43 0.96
C PHE A 101 3.96 -9.78 1.26
N LYS A 102 5.24 -9.76 1.66
CA LYS A 102 5.95 -11.00 1.98
C LYS A 102 5.16 -11.84 2.98
N LYS A 103 4.34 -11.19 3.78
CA LYS A 103 3.52 -11.87 4.77
C LYS A 103 2.67 -12.95 4.11
N HIS A 104 2.39 -12.79 2.82
CA HIS A 104 1.60 -13.74 2.08
C HIS A 104 2.48 -14.82 1.44
N GLY A 105 3.73 -14.47 1.20
CA GLY A 105 4.66 -15.40 0.59
C GLY A 105 4.79 -15.21 -0.90
N ILE A 106 3.92 -14.39 -1.47
CA ILE A 106 3.93 -14.13 -2.91
C ILE A 106 4.72 -12.86 -3.22
N GLU A 107 5.76 -13.00 -4.05
CA GLU A 107 6.59 -11.86 -4.43
C GLU A 107 6.05 -11.20 -5.71
N LYS A 108 4.98 -11.76 -6.24
CA LYS A 108 4.37 -11.22 -7.46
C LYS A 108 4.01 -9.75 -7.28
N VAL A 109 3.80 -9.34 -6.03
CA VAL A 109 3.46 -7.95 -5.73
C VAL A 109 4.43 -6.99 -6.39
N ALA A 110 5.66 -7.43 -6.59
CA ALA A 110 6.69 -6.60 -7.21
C ALA A 110 6.35 -6.32 -8.67
N GLU A 111 5.94 -7.36 -9.39
CA GLU A 111 5.57 -7.21 -10.80
C GLU A 111 4.24 -6.48 -10.95
N GLN A 112 3.35 -6.68 -9.98
CA GLN A 112 2.04 -6.04 -10.00
C GLN A 112 2.15 -4.56 -9.67
N VAL A 113 2.93 -4.24 -8.64
CA VAL A 113 3.12 -2.86 -8.22
C VAL A 113 3.89 -2.06 -9.28
N MET A 114 4.77 -2.75 -10.00
CA MET A 114 5.57 -2.10 -11.03
C MET A 114 4.74 -1.92 -12.31
N LYS A 115 3.91 -2.92 -12.61
CA LYS A 115 3.07 -2.86 -13.81
C LYS A 115 1.83 -2.00 -13.56
N ALA A 116 1.49 -1.82 -12.30
CA ALA A 116 0.33 -1.00 -11.93
C ALA A 116 0.72 0.46 -11.73
N ASP A 117 2.01 0.69 -11.52
CA ASP A 117 2.52 2.05 -11.31
C ASP A 117 2.89 2.70 -12.64
N ALA A 118 1.89 3.25 -13.32
CA ALA A 118 2.11 3.91 -14.60
C ALA A 118 2.79 5.26 -14.42
N ASN A 119 2.72 5.80 -13.20
CA ASN A 119 3.32 7.08 -12.90
C ASN A 119 4.81 6.92 -12.57
N GLY A 120 5.28 5.68 -12.58
CA GLY A 120 6.67 5.41 -12.30
C GLY A 120 7.15 6.09 -11.03
N ASP A 121 6.23 6.31 -10.09
CA ASP A 121 6.55 6.96 -8.83
C ASP A 121 7.45 6.07 -7.98
N GLY A 122 7.41 4.78 -8.24
CA GLY A 122 8.22 3.84 -7.49
C GLY A 122 7.68 3.58 -6.10
N TYR A 123 6.53 4.16 -5.80
CA TYR A 123 5.89 3.99 -4.50
C TYR A 123 4.37 4.08 -4.61
N ILE A 124 3.68 3.57 -3.60
CA ILE A 124 2.22 3.59 -3.58
C ILE A 124 1.70 4.29 -2.33
N THR A 125 0.88 5.32 -2.53
CA THR A 125 0.31 6.06 -1.42
C THR A 125 -1.00 5.44 -0.95
N LEU A 126 -1.64 6.09 0.02
CA LEU A 126 -2.91 5.59 0.54
C LEU A 126 -3.88 5.25 -0.58
N GLU A 127 -4.03 6.18 -1.53
CA GLU A 127 -4.92 5.97 -2.66
C GLU A 127 -4.53 4.72 -3.45
N GLU A 128 -3.27 4.67 -3.87
CA GLU A 128 -2.77 3.53 -4.63
C GLU A 128 -2.98 2.23 -3.87
N PHE A 129 -2.73 2.26 -2.56
CA PHE A 129 -2.90 1.09 -1.72
C PHE A 129 -4.32 0.57 -1.77
N LEU A 130 -5.28 1.50 -1.76
CA LEU A 130 -6.69 1.14 -1.80
C LEU A 130 -7.07 0.58 -3.17
N GLU A 131 -6.30 0.94 -4.19
CA GLU A 131 -6.55 0.49 -5.55
C GLU A 131 -5.91 -0.88 -5.78
N PHE A 132 -4.97 -1.24 -4.91
CA PHE A 132 -4.28 -2.52 -5.03
C PHE A 132 -4.65 -3.45 -3.87
N SER A 133 -5.89 -3.92 -3.88
CA SER A 133 -6.38 -4.81 -2.83
C SER A 133 -7.58 -5.62 -3.32
N LEU A 134 -7.32 -6.80 -3.86
CA LEU A 134 -8.38 -7.66 -4.36
C LEU A 134 -7.80 -8.92 -5.01
CA CA B . 6.63 3.65 3.98
CA CA C . 2.64 4.77 -8.35
N GLY A 67 -17.94 15.20 15.23
CA GLY A 67 -18.31 15.94 14.04
C GLY A 67 -17.62 15.39 12.80
N GLN A 68 -16.56 14.63 13.00
CA GLN A 68 -15.80 14.05 11.88
C GLN A 68 -16.49 12.80 11.36
N ASP A 69 -16.78 12.79 10.06
CA ASP A 69 -17.44 11.65 9.44
C ASP A 69 -16.53 10.42 9.46
N LEU A 70 -17.13 9.25 9.66
CA LEU A 70 -16.38 8.00 9.71
C LEU A 70 -15.49 7.86 8.47
N SER A 71 -14.60 6.87 8.50
CA SER A 71 -13.69 6.63 7.38
C SER A 71 -14.19 5.48 6.51
N ASP A 72 -14.04 5.64 5.20
CA ASP A 72 -14.48 4.62 4.26
C ASP A 72 -14.28 3.22 4.83
N ASP A 73 -15.16 2.30 4.45
CA ASP A 73 -15.08 0.92 4.94
C ASP A 73 -13.65 0.41 4.86
N LYS A 74 -12.84 1.02 4.00
CA LYS A 74 -11.45 0.62 3.83
C LYS A 74 -10.56 1.28 4.88
N ILE A 75 -11.20 1.89 5.88
CA ILE A 75 -10.46 2.56 6.96
C ILE A 75 -9.43 1.62 7.56
N GLY A 76 -9.79 0.35 7.72
CA GLY A 76 -8.87 -0.62 8.29
C GLY A 76 -7.64 -0.81 7.45
N LEU A 77 -7.83 -1.03 6.15
CA LEU A 77 -6.71 -1.22 5.23
C LEU A 77 -5.77 -0.02 5.25
N LYS A 78 -6.34 1.16 5.07
CA LYS A 78 -5.55 2.39 5.06
C LYS A 78 -4.76 2.54 6.36
N VAL A 79 -5.43 2.30 7.48
CA VAL A 79 -4.79 2.40 8.78
C VAL A 79 -3.59 1.47 8.89
N LEU A 80 -3.80 0.20 8.55
CA LEU A 80 -2.74 -0.80 8.60
C LEU A 80 -1.53 -0.35 7.78
N PHE A 81 -1.78 0.00 6.52
CA PHE A 81 -0.72 0.45 5.63
C PHE A 81 0.10 1.56 6.28
N LYS A 82 -0.59 2.63 6.68
CA LYS A 82 0.06 3.76 7.32
C LYS A 82 0.80 3.32 8.59
N LEU A 83 0.15 2.50 9.39
CA LEU A 83 0.73 2.01 10.63
C LEU A 83 2.07 1.33 10.37
N MET A 84 2.14 0.57 9.29
CA MET A 84 3.37 -0.13 8.92
C MET A 84 4.44 0.86 8.44
N ASP A 85 4.02 2.09 8.19
CA ASP A 85 4.94 3.12 7.73
C ASP A 85 5.30 4.08 8.86
N VAL A 86 6.19 3.61 9.75
CA VAL A 86 6.63 4.41 10.88
C VAL A 86 7.33 5.69 10.42
N ASP A 87 7.68 5.72 9.14
CA ASP A 87 8.36 6.88 8.56
C ASP A 87 7.36 7.99 8.26
N GLY A 88 6.08 7.72 8.49
CA GLY A 88 5.04 8.71 8.23
C GLY A 88 5.24 9.41 6.91
N ASP A 89 5.52 8.64 5.86
CA ASP A 89 5.73 9.19 4.53
C ASP A 89 4.42 9.21 3.73
N GLY A 90 3.47 8.37 4.16
CA GLY A 90 2.19 8.30 3.47
C GLY A 90 2.25 7.45 2.22
N LYS A 91 3.45 6.98 1.88
CA LYS A 91 3.64 6.15 0.70
C LYS A 91 4.59 4.99 0.99
N LEU A 92 4.47 3.92 0.21
CA LEU A 92 5.31 2.75 0.38
C LEU A 92 6.29 2.61 -0.78
N THR A 93 7.52 2.22 -0.46
CA THR A 93 8.55 2.04 -1.49
C THR A 93 8.62 0.59 -1.96
N LYS A 94 9.12 0.39 -3.17
CA LYS A 94 9.24 -0.95 -3.74
C LYS A 94 9.70 -1.95 -2.68
N GLU A 95 10.84 -1.67 -2.08
CA GLU A 95 11.40 -2.55 -1.05
C GLU A 95 10.36 -2.84 0.03
N GLU A 96 9.60 -1.82 0.42
CA GLU A 96 8.57 -1.97 1.44
C GLU A 96 7.42 -2.84 0.92
N VAL A 97 7.09 -2.68 -0.36
CA VAL A 97 6.01 -3.45 -0.98
C VAL A 97 6.31 -4.95 -0.92
N THR A 98 7.59 -5.29 -1.02
CA THR A 98 8.00 -6.70 -0.98
C THR A 98 7.93 -7.25 0.43
N SER A 99 8.36 -6.45 1.40
CA SER A 99 8.35 -6.87 2.80
C SER A 99 6.93 -6.93 3.33
N PHE A 100 6.13 -5.91 3.01
CA PHE A 100 4.76 -5.84 3.46
C PHE A 100 3.94 -6.98 2.88
N PHE A 101 4.10 -7.22 1.58
CA PHE A 101 3.37 -8.28 0.90
C PHE A 101 3.98 -9.64 1.21
N LYS A 102 5.25 -9.65 1.59
CA LYS A 102 5.95 -10.89 1.92
C LYS A 102 5.15 -11.69 2.95
N LYS A 103 4.38 -10.99 3.77
CA LYS A 103 3.57 -11.64 4.80
C LYS A 103 2.67 -12.70 4.19
N HIS A 104 2.36 -12.55 2.90
CA HIS A 104 1.50 -13.49 2.21
C HIS A 104 2.32 -14.62 1.59
N GLY A 105 3.60 -14.34 1.35
CA GLY A 105 4.48 -15.35 0.77
C GLY A 105 4.53 -15.26 -0.74
N ILE A 106 3.75 -14.35 -1.32
CA ILE A 106 3.72 -14.17 -2.76
C ILE A 106 4.66 -13.06 -3.19
N GLU A 107 5.47 -13.34 -4.21
CA GLU A 107 6.42 -12.36 -4.72
C GLU A 107 5.86 -11.64 -5.94
N LYS A 108 4.72 -12.12 -6.43
CA LYS A 108 4.07 -11.53 -7.60
C LYS A 108 3.83 -10.04 -7.38
N VAL A 109 3.74 -9.63 -6.13
CA VAL A 109 3.51 -8.23 -5.79
C VAL A 109 4.49 -7.32 -6.51
N ALA A 110 5.68 -7.84 -6.79
CA ALA A 110 6.72 -7.08 -7.48
C ALA A 110 6.31 -6.79 -8.92
N GLU A 111 5.81 -7.81 -9.60
CA GLU A 111 5.38 -7.66 -10.99
C GLU A 111 4.08 -6.87 -11.08
N GLN A 112 3.22 -7.04 -10.08
CA GLN A 112 1.94 -6.35 -10.04
C GLN A 112 2.13 -4.87 -9.70
N VAL A 113 2.97 -4.60 -8.72
CA VAL A 113 3.24 -3.22 -8.30
C VAL A 113 3.99 -2.45 -9.38
N MET A 114 4.81 -3.17 -10.14
CA MET A 114 5.58 -2.56 -11.21
C MET A 114 4.72 -2.33 -12.45
N LYS A 115 3.83 -3.27 -12.72
CA LYS A 115 2.93 -3.17 -13.86
C LYS A 115 1.75 -2.26 -13.56
N ALA A 116 1.46 -2.07 -12.27
CA ALA A 116 0.37 -1.22 -11.85
C ALA A 116 0.84 0.21 -11.62
N ASP A 117 2.13 0.45 -11.81
CA ASP A 117 2.71 1.78 -11.62
C ASP A 117 2.69 2.56 -12.93
N ALA A 118 1.56 3.17 -13.25
CA ALA A 118 1.42 3.95 -14.47
C ALA A 118 2.12 5.30 -14.34
N ASN A 119 2.39 5.70 -13.10
CA ASN A 119 3.06 6.98 -12.85
C ASN A 119 4.55 6.76 -12.59
N GLY A 120 4.97 5.51 -12.58
CA GLY A 120 6.38 5.19 -12.35
C GLY A 120 6.93 5.91 -11.14
N ASP A 121 6.06 6.21 -10.18
CA ASP A 121 6.47 6.91 -8.96
C ASP A 121 7.38 6.02 -8.12
N GLY A 122 7.30 4.71 -8.34
CA GLY A 122 8.12 3.77 -7.60
C GLY A 122 7.62 3.56 -6.18
N TYR A 123 6.49 4.18 -5.86
CA TYR A 123 5.90 4.05 -4.53
C TYR A 123 4.37 4.18 -4.60
N ILE A 124 3.71 3.70 -3.55
CA ILE A 124 2.25 3.77 -3.49
C ILE A 124 1.78 4.50 -2.23
N THR A 125 0.97 5.52 -2.43
CA THR A 125 0.44 6.31 -1.31
C THR A 125 -0.84 5.68 -0.75
N LEU A 126 -1.43 6.36 0.22
CA LEU A 126 -2.66 5.88 0.85
C LEU A 126 -3.72 5.55 -0.22
N GLU A 127 -3.93 6.49 -1.14
CA GLU A 127 -4.90 6.30 -2.21
C GLU A 127 -4.52 5.13 -3.09
N GLU A 128 -3.29 5.14 -3.59
CA GLU A 128 -2.79 4.08 -4.46
C GLU A 128 -2.95 2.72 -3.80
N PHE A 129 -2.56 2.63 -2.53
CA PHE A 129 -2.66 1.39 -1.78
C PHE A 129 -4.09 0.89 -1.73
N LEU A 130 -5.03 1.81 -1.55
CA LEU A 130 -6.44 1.48 -1.48
C LEU A 130 -6.94 0.97 -2.84
N GLU A 131 -6.26 1.37 -3.91
CA GLU A 131 -6.63 0.96 -5.25
C GLU A 131 -6.00 -0.39 -5.59
N PHE A 132 -4.98 -0.77 -4.84
CA PHE A 132 -4.30 -2.04 -5.06
C PHE A 132 -4.58 -3.02 -3.92
N SER A 133 -5.82 -3.50 -3.85
CA SER A 133 -6.22 -4.45 -2.81
C SER A 133 -7.45 -5.23 -3.24
N LEU A 134 -7.22 -6.39 -3.86
CA LEU A 134 -8.32 -7.24 -4.32
C LEU A 134 -7.78 -8.45 -5.07
CA CA B . 6.70 3.70 4.26
CA CA C . 2.86 4.69 -8.44
N GLY A 67 -20.54 12.17 16.68
CA GLY A 67 -21.03 12.81 15.47
C GLY A 67 -20.11 12.63 14.30
N GLN A 68 -18.83 12.36 14.58
CA GLN A 68 -17.83 12.16 13.54
C GLN A 68 -18.09 10.86 12.78
N ASP A 69 -18.22 10.96 11.47
CA ASP A 69 -18.46 9.79 10.63
C ASP A 69 -17.25 8.85 10.65
N LEU A 70 -17.53 7.55 10.64
CA LEU A 70 -16.48 6.54 10.66
C LEU A 70 -15.57 6.68 9.44
N SER A 71 -14.68 5.71 9.25
CA SER A 71 -13.76 5.72 8.14
C SER A 71 -14.16 4.69 7.08
N ASP A 72 -14.02 5.05 5.82
CA ASP A 72 -14.37 4.15 4.72
C ASP A 72 -14.05 2.71 5.08
N ASP A 73 -14.84 1.79 4.55
CA ASP A 73 -14.65 0.37 4.82
C ASP A 73 -13.19 -0.02 4.69
N LYS A 74 -12.44 0.77 3.93
CA LYS A 74 -11.02 0.52 3.72
C LYS A 74 -10.19 1.10 4.85
N ILE A 75 -10.86 1.50 5.93
CA ILE A 75 -10.18 2.06 7.09
C ILE A 75 -9.06 1.14 7.57
N GLY A 76 -9.34 -0.16 7.58
CA GLY A 76 -8.34 -1.11 8.02
C GLY A 76 -7.10 -1.10 7.15
N LEU A 77 -7.29 -1.19 5.85
CA LEU A 77 -6.18 -1.19 4.90
C LEU A 77 -5.32 0.07 5.08
N LYS A 78 -5.97 1.22 5.14
CA LYS A 78 -5.27 2.49 5.29
C LYS A 78 -4.52 2.52 6.62
N VAL A 79 -5.17 2.06 7.68
CA VAL A 79 -4.55 2.04 9.01
C VAL A 79 -3.29 1.19 9.01
N LEU A 80 -3.41 -0.05 8.53
CA LEU A 80 -2.28 -0.96 8.48
C LEU A 80 -1.12 -0.36 7.69
N PHE A 81 -1.41 0.09 6.47
CA PHE A 81 -0.39 0.70 5.62
C PHE A 81 0.36 1.79 6.37
N LYS A 82 -0.38 2.75 6.91
CA LYS A 82 0.22 3.85 7.65
C LYS A 82 1.00 3.34 8.87
N LEU A 83 0.36 2.47 9.63
CA LEU A 83 0.99 1.90 10.82
C LEU A 83 2.32 1.24 10.47
N MET A 84 2.35 0.53 9.35
CA MET A 84 3.55 -0.14 8.90
C MET A 84 4.58 0.86 8.39
N ASP A 85 4.15 2.11 8.21
CA ASP A 85 5.03 3.16 7.73
C ASP A 85 5.45 4.08 8.88
N VAL A 86 6.34 3.58 9.73
CA VAL A 86 6.83 4.35 10.86
C VAL A 86 7.52 5.63 10.40
N ASP A 87 7.86 5.68 9.13
CA ASP A 87 8.53 6.84 8.56
C ASP A 87 7.52 7.95 8.25
N GLY A 88 6.25 7.66 8.47
CA GLY A 88 5.21 8.63 8.20
C GLY A 88 5.40 9.33 6.88
N ASP A 89 5.70 8.57 5.84
CA ASP A 89 5.91 9.13 4.50
C ASP A 89 4.61 9.13 3.71
N GLY A 90 3.68 8.27 4.09
CA GLY A 90 2.40 8.18 3.40
C GLY A 90 2.50 7.38 2.12
N LYS A 91 3.70 6.94 1.78
CA LYS A 91 3.92 6.16 0.57
C LYS A 91 4.90 5.01 0.83
N LEU A 92 4.83 3.98 0.00
CA LEU A 92 5.71 2.82 0.14
C LEU A 92 6.49 2.57 -1.14
N THR A 93 7.74 2.16 -1.00
CA THR A 93 8.59 1.89 -2.15
C THR A 93 8.53 0.41 -2.54
N LYS A 94 8.84 0.13 -3.81
CA LYS A 94 8.82 -1.24 -4.30
C LYS A 94 9.32 -2.22 -3.25
N GLU A 95 10.52 -1.96 -2.73
CA GLU A 95 11.13 -2.81 -1.72
C GLU A 95 10.17 -3.02 -0.55
N GLU A 96 9.53 -1.94 -0.11
CA GLU A 96 8.59 -1.99 1.01
C GLU A 96 7.38 -2.85 0.65
N VAL A 97 6.90 -2.70 -0.58
CA VAL A 97 5.74 -3.45 -1.05
C VAL A 97 6.00 -4.95 -0.97
N THR A 98 7.26 -5.34 -1.18
CA THR A 98 7.64 -6.76 -1.12
C THR A 98 7.63 -7.28 0.30
N SER A 99 8.20 -6.50 1.22
CA SER A 99 8.26 -6.89 2.62
C SER A 99 6.88 -6.83 3.26
N PHE A 100 6.11 -5.82 2.88
CA PHE A 100 4.76 -5.65 3.42
C PHE A 100 3.86 -6.81 3.00
N PHE A 101 3.89 -7.12 1.70
CA PHE A 101 3.06 -8.20 1.17
C PHE A 101 3.66 -9.57 1.52
N LYS A 102 4.97 -9.59 1.76
CA LYS A 102 5.65 -10.83 2.10
C LYS A 102 4.97 -11.53 3.28
N LYS A 103 4.32 -10.73 4.13
CA LYS A 103 3.61 -11.27 5.29
C LYS A 103 2.60 -12.32 4.87
N HIS A 104 2.14 -12.23 3.62
CA HIS A 104 1.16 -13.18 3.09
C HIS A 104 1.84 -14.28 2.30
N GLY A 105 3.11 -14.06 1.94
CA GLY A 105 3.85 -15.04 1.19
C GLY A 105 3.77 -14.82 -0.31
N ILE A 106 2.95 -13.85 -0.72
CA ILE A 106 2.78 -13.53 -2.13
C ILE A 106 3.80 -12.50 -2.59
N GLU A 107 4.47 -12.78 -3.70
CA GLU A 107 5.47 -11.87 -4.25
C GLU A 107 4.94 -11.16 -5.49
N LYS A 108 3.79 -11.60 -5.97
CA LYS A 108 3.17 -11.01 -7.15
C LYS A 108 3.00 -9.50 -6.98
N VAL A 109 2.91 -9.06 -5.73
CA VAL A 109 2.75 -7.65 -5.44
C VAL A 109 3.78 -6.80 -6.18
N ALA A 110 4.96 -7.37 -6.38
CA ALA A 110 6.03 -6.67 -7.09
C ALA A 110 5.63 -6.33 -8.52
N GLU A 111 5.06 -7.30 -9.22
CA GLU A 111 4.63 -7.10 -10.59
C GLU A 111 3.37 -6.23 -10.65
N GLN A 112 2.56 -6.31 -9.59
CA GLN A 112 1.33 -5.53 -9.52
C GLN A 112 1.63 -4.06 -9.32
N VAL A 113 2.55 -3.76 -8.41
CA VAL A 113 2.94 -2.39 -8.12
C VAL A 113 3.74 -1.78 -9.27
N MET A 114 4.48 -2.63 -9.98
CA MET A 114 5.29 -2.18 -11.11
C MET A 114 4.42 -1.97 -12.34
N LYS A 115 3.39 -2.80 -12.48
CA LYS A 115 2.49 -2.70 -13.62
C LYS A 115 1.39 -1.66 -13.36
N ALA A 116 1.12 -1.40 -12.09
CA ALA A 116 0.12 -0.43 -11.70
C ALA A 116 0.70 0.97 -11.59
N ASP A 117 2.03 1.05 -11.48
CA ASP A 117 2.72 2.33 -11.36
C ASP A 117 2.87 2.98 -12.73
N ALA A 118 1.83 3.65 -13.18
CA ALA A 118 1.85 4.32 -14.48
C ALA A 118 2.70 5.60 -14.42
N ASN A 119 2.95 6.07 -13.21
CA ASN A 119 3.74 7.28 -13.01
C ASN A 119 5.22 6.95 -12.83
N GLY A 120 5.52 5.65 -12.81
CA GLY A 120 6.91 5.22 -12.63
C GLY A 120 7.59 5.93 -11.48
N ASP A 121 6.81 6.31 -10.48
CA ASP A 121 7.35 6.99 -9.31
C ASP A 121 8.12 6.03 -8.42
N GLY A 122 7.86 4.74 -8.58
CA GLY A 122 8.54 3.73 -7.78
C GLY A 122 7.99 3.65 -6.37
N TYR A 123 6.97 4.44 -6.09
CA TYR A 123 6.36 4.45 -4.76
C TYR A 123 4.83 4.50 -4.86
N ILE A 124 4.16 4.06 -3.81
CA ILE A 124 2.71 4.06 -3.77
C ILE A 124 2.18 4.66 -2.48
N THR A 125 1.28 5.63 -2.61
CA THR A 125 0.70 6.29 -1.45
C THR A 125 -0.56 5.58 -0.98
N LEU A 126 -1.21 6.13 0.05
CA LEU A 126 -2.43 5.54 0.59
C LEU A 126 -3.42 5.23 -0.52
N GLU A 127 -3.52 6.13 -1.50
CA GLU A 127 -4.43 5.94 -2.62
C GLU A 127 -4.08 4.67 -3.40
N GLU A 128 -2.84 4.59 -3.87
CA GLU A 128 -2.39 3.43 -4.63
C GLU A 128 -2.57 2.16 -3.83
N PHE A 129 -2.19 2.20 -2.56
CA PHE A 129 -2.30 1.03 -1.69
C PHE A 129 -3.74 0.54 -1.63
N LEU A 130 -4.68 1.48 -1.60
CA LEU A 130 -6.10 1.15 -1.55
C LEU A 130 -6.60 0.63 -2.90
N GLU A 131 -5.85 0.95 -3.96
CA GLU A 131 -6.21 0.51 -5.30
C GLU A 131 -5.73 -0.92 -5.56
N PHE A 132 -4.79 -1.37 -4.75
CA PHE A 132 -4.25 -2.72 -4.89
C PHE A 132 -4.69 -3.61 -3.73
N SER A 133 -5.98 -3.94 -3.71
CA SER A 133 -6.54 -4.78 -2.65
C SER A 133 -7.83 -5.45 -3.12
N LEU A 134 -7.71 -6.65 -3.67
CA LEU A 134 -8.86 -7.39 -4.16
C LEU A 134 -8.44 -8.69 -4.82
CA CA B . 7.01 3.74 4.14
CA CA C . 3.04 4.89 -8.62
N GLY A 67 -18.34 5.29 17.80
CA GLY A 67 -17.78 6.54 18.26
C GLY A 67 -16.58 6.99 17.44
N GLN A 68 -15.90 6.02 16.83
CA GLN A 68 -14.73 6.32 16.01
C GLN A 68 -15.12 7.06 14.74
N ASP A 69 -14.14 7.71 14.11
CA ASP A 69 -14.39 8.46 12.89
C ASP A 69 -14.76 7.52 11.75
N LEU A 70 -15.94 7.74 11.17
CA LEU A 70 -16.41 6.90 10.07
C LEU A 70 -15.47 7.00 8.87
N SER A 71 -14.65 5.96 8.67
CA SER A 71 -13.70 5.92 7.57
C SER A 71 -14.12 4.90 6.53
N ASP A 72 -13.94 5.24 5.26
CA ASP A 72 -14.29 4.34 4.16
C ASP A 72 -14.03 2.88 4.54
N ASP A 73 -14.83 1.98 4.01
CA ASP A 73 -14.69 0.56 4.29
C ASP A 73 -13.23 0.13 4.23
N LYS A 74 -12.43 0.90 3.49
CA LYS A 74 -11.00 0.61 3.36
C LYS A 74 -10.21 1.15 4.54
N ILE A 75 -10.92 1.57 5.58
CA ILE A 75 -10.29 2.12 6.77
C ILE A 75 -9.21 1.18 7.29
N GLY A 76 -9.42 -0.12 7.13
CA GLY A 76 -8.45 -1.10 7.58
C GLY A 76 -7.17 -1.07 6.77
N LEU A 77 -7.31 -1.09 5.44
CA LEU A 77 -6.16 -1.07 4.54
C LEU A 77 -5.35 0.21 4.73
N LYS A 78 -6.05 1.34 4.77
CA LYS A 78 -5.40 2.63 4.96
C LYS A 78 -4.66 2.69 6.28
N VAL A 79 -5.36 2.35 7.36
CA VAL A 79 -4.75 2.36 8.69
C VAL A 79 -3.53 1.45 8.74
N LEU A 80 -3.70 0.20 8.31
CA LEU A 80 -2.61 -0.76 8.32
C LEU A 80 -1.41 -0.22 7.53
N PHE A 81 -1.67 0.22 6.30
CA PHE A 81 -0.61 0.75 5.44
C PHE A 81 0.21 1.80 6.18
N LYS A 82 -0.48 2.82 6.70
CA LYS A 82 0.18 3.89 7.42
C LYS A 82 0.88 3.37 8.67
N LEU A 83 0.19 2.53 9.43
CA LEU A 83 0.74 1.94 10.64
C LEU A 83 2.07 1.24 10.35
N MET A 84 2.11 0.50 9.25
CA MET A 84 3.32 -0.21 8.86
C MET A 84 4.40 0.76 8.38
N ASP A 85 3.98 1.98 8.05
CA ASP A 85 4.90 3.00 7.58
C ASP A 85 5.30 3.95 8.71
N VAL A 86 6.17 3.46 9.60
CA VAL A 86 6.62 4.26 10.74
C VAL A 86 7.40 5.48 10.27
N ASP A 87 7.75 5.50 8.99
CA ASP A 87 8.49 6.62 8.42
C ASP A 87 7.56 7.78 8.10
N GLY A 88 6.27 7.58 8.33
CA GLY A 88 5.29 8.63 8.07
C GLY A 88 5.52 9.31 6.73
N ASP A 89 5.76 8.51 5.69
CA ASP A 89 6.00 9.04 4.35
C ASP A 89 4.70 9.11 3.57
N GLY A 90 3.71 8.30 3.97
CA GLY A 90 2.44 8.29 3.28
C GLY A 90 2.47 7.48 2.00
N LYS A 91 3.66 6.97 1.66
CA LYS A 91 3.82 6.17 0.45
C LYS A 91 4.77 5.00 0.71
N LEU A 92 4.46 3.85 0.13
CA LEU A 92 5.29 2.66 0.28
C LEU A 92 6.22 2.49 -0.91
N THR A 93 7.46 2.09 -0.64
CA THR A 93 8.45 1.88 -1.68
C THR A 93 8.49 0.42 -2.12
N LYS A 94 8.94 0.18 -3.35
CA LYS A 94 9.04 -1.16 -3.89
C LYS A 94 9.52 -2.15 -2.82
N GLU A 95 10.70 -1.87 -2.26
CA GLU A 95 11.27 -2.73 -1.23
C GLU A 95 10.26 -2.99 -0.13
N GLU A 96 9.55 -1.95 0.28
CA GLU A 96 8.55 -2.06 1.33
C GLU A 96 7.37 -2.93 0.87
N VAL A 97 7.01 -2.79 -0.40
CA VAL A 97 5.91 -3.56 -0.96
C VAL A 97 6.16 -5.06 -0.87
N THR A 98 7.44 -5.44 -0.98
CA THR A 98 7.82 -6.84 -0.90
C THR A 98 7.76 -7.35 0.54
N SER A 99 8.25 -6.54 1.46
CA SER A 99 8.25 -6.91 2.87
C SER A 99 6.84 -6.91 3.44
N PHE A 100 6.07 -5.89 3.09
CA PHE A 100 4.69 -5.78 3.56
C PHE A 100 3.84 -6.93 3.06
N PHE A 101 3.96 -7.23 1.76
CA PHE A 101 3.20 -8.30 1.14
C PHE A 101 3.79 -9.66 1.51
N LYS A 102 5.08 -9.67 1.85
CA LYS A 102 5.77 -10.90 2.21
C LYS A 102 5.01 -11.65 3.29
N LYS A 103 4.26 -10.90 4.11
CA LYS A 103 3.47 -11.50 5.18
C LYS A 103 2.54 -12.57 4.65
N HIS A 104 2.19 -12.46 3.36
CA HIS A 104 1.30 -13.42 2.73
C HIS A 104 2.09 -14.53 2.03
N GLY A 105 3.35 -14.23 1.71
CA GLY A 105 4.19 -15.20 1.06
C GLY A 105 4.24 -15.01 -0.45
N ILE A 106 3.38 -14.13 -0.96
CA ILE A 106 3.32 -13.86 -2.38
C ILE A 106 4.21 -12.68 -2.75
N GLU A 107 5.11 -12.90 -3.71
CA GLU A 107 6.02 -11.85 -4.16
C GLU A 107 5.50 -11.18 -5.43
N LYS A 108 4.37 -11.67 -5.92
CA LYS A 108 3.77 -11.12 -7.13
C LYS A 108 3.53 -9.62 -6.99
N VAL A 109 3.38 -9.17 -5.74
CA VAL A 109 3.14 -7.76 -5.47
C VAL A 109 4.17 -6.88 -6.19
N ALA A 110 5.37 -7.42 -6.38
CA ALA A 110 6.43 -6.68 -7.05
C ALA A 110 6.09 -6.44 -8.52
N GLU A 111 5.62 -7.47 -9.20
CA GLU A 111 5.26 -7.37 -10.60
C GLU A 111 3.95 -6.58 -10.77
N GLN A 112 3.07 -6.68 -9.78
CA GLN A 112 1.79 -5.99 -9.81
C GLN A 112 1.98 -4.51 -9.54
N VAL A 113 2.79 -4.18 -8.53
CA VAL A 113 3.05 -2.80 -8.17
C VAL A 113 3.84 -2.08 -9.25
N MET A 114 4.68 -2.83 -9.96
CA MET A 114 5.49 -2.28 -11.03
C MET A 114 4.68 -2.10 -12.30
N LYS A 115 3.80 -3.07 -12.57
CA LYS A 115 2.95 -3.02 -13.76
C LYS A 115 1.76 -2.09 -13.55
N ALA A 116 1.44 -1.83 -12.28
CA ALA A 116 0.33 -0.95 -11.94
C ALA A 116 0.82 0.47 -11.68
N ASP A 117 2.11 0.70 -11.90
CA ASP A 117 2.70 2.02 -11.68
C ASP A 117 2.68 2.83 -12.97
N ALA A 118 1.56 3.48 -13.25
CA ALA A 118 1.42 4.28 -14.45
C ALA A 118 2.15 5.62 -14.30
N ASN A 119 2.47 5.97 -13.07
CA ASN A 119 3.18 7.22 -12.79
C ASN A 119 4.66 6.97 -12.55
N GLY A 120 5.05 5.69 -12.58
CA GLY A 120 6.45 5.35 -12.38
C GLY A 120 7.04 6.03 -11.16
N ASP A 121 6.20 6.33 -10.18
CA ASP A 121 6.64 6.99 -8.96
C ASP A 121 7.54 6.07 -8.14
N GLY A 122 7.42 4.77 -8.38
CA GLY A 122 8.23 3.81 -7.66
C GLY A 122 7.70 3.53 -6.27
N TYR A 123 6.59 4.18 -5.92
CA TYR A 123 5.98 4.01 -4.60
C TYR A 123 4.46 4.14 -4.69
N ILE A 124 3.78 3.63 -3.66
CA ILE A 124 2.33 3.70 -3.62
C ILE A 124 1.85 4.43 -2.37
N THR A 125 1.06 5.48 -2.57
CA THR A 125 0.53 6.27 -1.46
C THR A 125 -0.78 5.70 -0.96
N LEU A 126 -1.39 6.38 0.01
CA LEU A 126 -2.65 5.94 0.57
C LEU A 126 -3.66 5.59 -0.53
N GLU A 127 -3.80 6.50 -1.49
CA GLU A 127 -4.73 6.28 -2.60
C GLU A 127 -4.38 5.01 -3.37
N GLU A 128 -3.13 4.92 -3.81
CA GLU A 128 -2.67 3.76 -4.57
C GLU A 128 -2.88 2.48 -3.77
N PHE A 129 -2.61 2.54 -2.47
CA PHE A 129 -2.78 1.39 -1.59
C PHE A 129 -4.23 0.90 -1.60
N LEU A 130 -5.16 1.85 -1.59
CA LEU A 130 -6.58 1.52 -1.60
C LEU A 130 -7.00 0.94 -2.95
N GLU A 131 -6.24 1.27 -3.99
CA GLU A 131 -6.54 0.78 -5.34
C GLU A 131 -5.93 -0.60 -5.56
N PHE A 132 -4.98 -0.96 -4.71
CA PHE A 132 -4.30 -2.25 -4.81
C PHE A 132 -4.67 -3.14 -3.62
N SER A 133 -5.92 -3.60 -3.59
CA SER A 133 -6.39 -4.46 -2.52
C SER A 133 -7.62 -5.26 -2.95
N LEU A 134 -7.39 -6.45 -3.47
CA LEU A 134 -8.47 -7.31 -3.93
C LEU A 134 -7.92 -8.59 -4.56
CA CA B . 6.78 3.70 3.90
CA CA C . 2.84 4.80 -8.45
N GLY A 67 -20.56 11.38 16.91
CA GLY A 67 -20.73 12.41 15.90
C GLY A 67 -19.60 12.41 14.88
N GLN A 68 -18.46 11.83 15.25
CA GLN A 68 -17.31 11.76 14.36
C GLN A 68 -17.58 10.81 13.19
N ASP A 69 -17.38 11.32 11.98
CA ASP A 69 -17.60 10.51 10.78
C ASP A 69 -16.58 9.38 10.69
N LEU A 70 -17.09 8.16 10.53
CA LEU A 70 -16.23 6.98 10.42
C LEU A 70 -15.26 7.11 9.26
N SER A 71 -14.40 6.11 9.10
CA SER A 71 -13.42 6.11 8.01
C SER A 71 -13.85 5.16 6.90
N ASP A 72 -13.62 5.57 5.65
CA ASP A 72 -13.98 4.77 4.50
C ASP A 72 -13.79 3.28 4.79
N ASP A 73 -14.63 2.46 4.19
CA ASP A 73 -14.56 1.01 4.39
C ASP A 73 -13.12 0.52 4.31
N LYS A 74 -12.27 1.30 3.63
CA LYS A 74 -10.87 0.94 3.48
C LYS A 74 -10.06 1.39 4.69
N ILE A 75 -10.76 1.78 5.75
CA ILE A 75 -10.11 2.23 6.98
C ILE A 75 -9.07 1.21 7.45
N GLY A 76 -9.42 -0.07 7.36
CA GLY A 76 -8.51 -1.11 7.78
C GLY A 76 -7.23 -1.12 6.98
N LEU A 77 -7.36 -1.15 5.66
CA LEU A 77 -6.19 -1.15 4.77
C LEU A 77 -5.31 0.06 5.03
N LYS A 78 -5.93 1.23 5.17
CA LYS A 78 -5.20 2.45 5.41
C LYS A 78 -4.47 2.40 6.75
N VAL A 79 -5.13 1.86 7.77
CA VAL A 79 -4.55 1.74 9.09
C VAL A 79 -3.29 0.87 9.06
N LEU A 80 -3.43 -0.34 8.53
CA LEU A 80 -2.30 -1.26 8.44
C LEU A 80 -1.14 -0.63 7.67
N PHE A 81 -1.44 -0.14 6.48
CA PHE A 81 -0.42 0.48 5.63
C PHE A 81 0.34 1.55 6.41
N LYS A 82 -0.40 2.51 6.97
CA LYS A 82 0.20 3.60 7.74
C LYS A 82 1.00 3.05 8.92
N LEU A 83 0.39 2.13 9.66
CA LEU A 83 1.04 1.53 10.82
C LEU A 83 2.39 0.92 10.43
N MET A 84 2.43 0.26 9.27
CA MET A 84 3.66 -0.35 8.78
C MET A 84 4.65 0.70 8.32
N ASP A 85 4.17 1.93 8.15
CA ASP A 85 5.01 3.03 7.71
C ASP A 85 5.31 3.98 8.87
N VAL A 86 6.22 3.57 9.75
CA VAL A 86 6.60 4.38 10.90
C VAL A 86 7.26 5.67 10.46
N ASP A 87 7.63 5.75 9.18
CA ASP A 87 8.27 6.93 8.64
C ASP A 87 7.26 8.02 8.33
N GLY A 88 5.98 7.69 8.53
CA GLY A 88 4.92 8.65 8.26
C GLY A 88 5.09 9.35 6.93
N ASP A 89 5.40 8.58 5.89
CA ASP A 89 5.59 9.13 4.56
C ASP A 89 4.30 9.06 3.75
N GLY A 90 3.41 8.15 4.13
CA GLY A 90 2.16 8.00 3.44
C GLY A 90 2.29 7.18 2.17
N LYS A 91 3.52 6.83 1.81
CA LYS A 91 3.79 6.05 0.61
C LYS A 91 4.86 5.00 0.88
N LEU A 92 4.84 3.92 0.09
CA LEU A 92 5.81 2.85 0.24
C LEU A 92 6.55 2.60 -1.07
N THR A 93 7.83 2.28 -0.97
CA THR A 93 8.66 2.01 -2.14
C THR A 93 8.64 0.54 -2.51
N LYS A 94 8.93 0.24 -3.77
CA LYS A 94 8.96 -1.14 -4.25
C LYS A 94 9.50 -2.08 -3.17
N GLU A 95 10.68 -1.75 -2.65
CA GLU A 95 11.31 -2.57 -1.62
C GLU A 95 10.35 -2.81 -0.46
N GLU A 96 9.68 -1.74 -0.03
CA GLU A 96 8.74 -1.84 1.08
C GLU A 96 7.57 -2.75 0.72
N VAL A 97 7.08 -2.62 -0.51
CA VAL A 97 5.96 -3.42 -0.98
C VAL A 97 6.27 -4.92 -0.88
N THR A 98 7.55 -5.26 -1.07
CA THR A 98 7.99 -6.64 -1.01
C THR A 98 8.01 -7.15 0.43
N SER A 99 8.54 -6.34 1.33
CA SER A 99 8.62 -6.71 2.74
C SER A 99 7.25 -6.71 3.38
N PHE A 100 6.41 -5.74 2.98
CA PHE A 100 5.06 -5.63 3.51
C PHE A 100 4.21 -6.83 3.10
N PHE A 101 4.25 -7.16 1.82
CA PHE A 101 3.49 -8.29 1.29
C PHE A 101 4.14 -9.62 1.67
N LYS A 102 5.45 -9.57 1.90
CA LYS A 102 6.20 -10.77 2.26
C LYS A 102 5.54 -11.48 3.44
N LYS A 103 4.85 -10.73 4.28
CA LYS A 103 4.17 -11.29 5.44
C LYS A 103 3.21 -12.40 5.02
N HIS A 104 2.75 -12.34 3.78
CA HIS A 104 1.83 -13.34 3.25
C HIS A 104 2.57 -14.43 2.50
N GLY A 105 3.83 -14.15 2.14
CA GLY A 105 4.62 -15.11 1.41
C GLY A 105 4.56 -14.90 -0.09
N ILE A 106 3.69 -14.00 -0.52
CA ILE A 106 3.53 -13.71 -1.94
C ILE A 106 4.46 -12.60 -2.39
N GLU A 107 5.16 -12.83 -3.49
CA GLU A 107 6.10 -11.83 -4.03
C GLU A 107 5.53 -11.17 -5.28
N LYS A 108 4.39 -11.68 -5.75
CA LYS A 108 3.74 -11.14 -6.94
C LYS A 108 3.48 -9.65 -6.78
N VAL A 109 3.39 -9.19 -5.54
CA VAL A 109 3.14 -7.79 -5.26
C VAL A 109 4.11 -6.90 -6.02
N ALA A 110 5.31 -7.41 -6.26
CA ALA A 110 6.34 -6.66 -6.97
C ALA A 110 5.93 -6.44 -8.43
N GLU A 111 5.37 -7.47 -9.05
CA GLU A 111 4.94 -7.38 -10.44
C GLU A 111 3.69 -6.51 -10.57
N GLN A 112 2.76 -6.69 -9.63
CA GLN A 112 1.51 -5.92 -9.64
C GLN A 112 1.79 -4.44 -9.43
N VAL A 113 2.66 -4.14 -8.47
CA VAL A 113 3.01 -2.75 -8.16
C VAL A 113 3.79 -2.11 -9.30
N MET A 114 4.55 -2.95 -10.02
CA MET A 114 5.36 -2.47 -11.14
C MET A 114 4.47 -2.06 -12.31
N LYS A 115 3.47 -2.89 -12.59
CA LYS A 115 2.54 -2.63 -13.69
C LYS A 115 1.45 -1.65 -13.26
N ALA A 116 1.23 -1.55 -11.95
CA ALA A 116 0.22 -0.65 -11.41
C ALA A 116 0.76 0.76 -11.26
N ASP A 117 2.08 0.88 -11.25
CA ASP A 117 2.72 2.19 -11.12
C ASP A 117 2.94 2.83 -12.48
N ALA A 118 1.89 3.46 -13.01
CA ALA A 118 1.96 4.12 -14.31
C ALA A 118 2.73 5.43 -14.21
N ASN A 119 2.82 5.98 -13.01
CA ASN A 119 3.52 7.24 -12.79
C ASN A 119 5.02 6.99 -12.62
N GLY A 120 5.42 5.72 -12.63
CA GLY A 120 6.81 5.37 -12.48
C GLY A 120 7.48 6.11 -11.33
N ASP A 121 6.69 6.43 -10.31
CA ASP A 121 7.20 7.14 -9.14
C ASP A 121 8.02 6.20 -8.25
N GLY A 122 7.82 4.90 -8.43
CA GLY A 122 8.55 3.93 -7.64
C GLY A 122 8.00 3.80 -6.24
N TYR A 123 6.94 4.53 -5.95
CA TYR A 123 6.32 4.51 -4.62
C TYR A 123 4.80 4.48 -4.74
N ILE A 124 4.15 3.96 -3.70
CA ILE A 124 2.69 3.88 -3.68
C ILE A 124 2.13 4.39 -2.36
N THR A 125 1.16 5.29 -2.44
CA THR A 125 0.53 5.86 -1.25
C THR A 125 -0.81 5.18 -0.96
N LEU A 126 -1.49 5.66 0.08
CA LEU A 126 -2.78 5.10 0.47
C LEU A 126 -3.70 4.96 -0.74
N GLU A 127 -3.55 5.87 -1.70
CA GLU A 127 -4.35 5.86 -2.91
C GLU A 127 -4.19 4.53 -3.65
N GLU A 128 -2.96 4.19 -3.97
CA GLU A 128 -2.66 2.95 -4.68
C GLU A 128 -3.22 1.75 -3.93
N PHE A 129 -3.00 1.72 -2.62
CA PHE A 129 -3.47 0.62 -1.79
C PHE A 129 -4.98 0.44 -1.95
N LEU A 130 -5.71 1.55 -2.03
CA LEU A 130 -7.16 1.51 -2.18
C LEU A 130 -7.55 1.09 -3.60
N GLU A 131 -6.61 1.23 -4.53
CA GLU A 131 -6.85 0.88 -5.92
C GLU A 131 -6.63 -0.62 -6.14
N PHE A 132 -5.93 -1.25 -5.21
CA PHE A 132 -5.65 -2.68 -5.30
C PHE A 132 -6.43 -3.45 -4.24
N SER A 133 -7.75 -3.53 -4.43
CA SER A 133 -8.61 -4.23 -3.49
C SER A 133 -9.93 -4.62 -4.16
N LEU A 134 -9.96 -5.83 -4.71
CA LEU A 134 -11.16 -6.33 -5.39
C LEU A 134 -10.90 -7.68 -6.02
CA CA B . 6.94 3.83 4.17
CA CA C . 2.70 4.75 -8.34
#